data_9FBL
#
_entry.id   9FBL
#
_cell.length_a   77.952
_cell.length_b   206.560
_cell.length_c   76.772
_cell.angle_alpha   90.000
_cell.angle_beta   90.000
_cell.angle_gamma   90.000
#
_symmetry.space_group_name_H-M   'P 21 21 2'
#
loop_
_entity.id
_entity.type
_entity.pdbx_description
1 polymer 'Casein kinase II subunit alpha'
2 polymer 'Cyclic peptidomimetic compound FMP35'
3 non-polymer 'NICOTINIC ACID'
4 non-polymer 'SULFATE ION'
5 non-polymer 'SODIUM ION'
6 water water
#
loop_
_entity_poly.entity_id
_entity_poly.type
_entity_poly.pdbx_seq_one_letter_code
_entity_poly.pdbx_strand_id
1 'polypeptide(L)'
;MGSSHHHHHHSQDPMSGPVPSRARVYTDVNTHRPREYWDYESHVVEWGNQDDYQLVRKLGRGKYSEVFEAINITNNEKVV
VKILKPVKKKKIKREIKILENLRGGPNIITLADIVKDPVSRTPALVFEHVNNTDFKQLYQTLTDYDIRFYMYEILKALDY
CHSMGIMHRDVKPHNVMIDHEHRKLRLIDWGLAEFYHPGQEYNVRVASRYFKGPELLVDYQMYDYSLDMWSLGCMLASMI
FRKEPFFHGHDNYDQLVRIAKVLGTEDLYDYIDKYNIELDPRFNDILGRHSRKRWERFVHSENQHLVSPEALDFLDKLLR
YDHQSRLTAREAMEHPYFYTVVKDQARMG
;
A,B,C
2 'polypeptide(L)' (A1ICC)A(SFE)MV L,N,P
#
loop_
_chem_comp.id
_chem_comp.type
_chem_comp.name
_chem_comp.formula
NA non-polymer 'SODIUM ION' 'Na 1'
NIO non-polymer 'NICOTINIC ACID' 'C6 H5 N O2'
SO4 non-polymer 'SULFATE ION' 'O4 S -2'
#
# COMPACT_ATOMS: atom_id res chain seq x y z
N SER A 16 6.91 14.18 2.48
CA SER A 16 7.18 13.57 3.79
C SER A 16 8.32 12.57 3.72
N GLY A 17 8.40 11.84 2.60
CA GLY A 17 9.39 10.80 2.46
C GLY A 17 8.87 9.46 2.94
N PRO A 18 9.51 8.38 2.50
CA PRO A 18 9.07 7.05 2.94
C PRO A 18 9.32 6.85 4.42
N VAL A 19 8.54 5.95 5.01
CA VAL A 19 8.60 5.72 6.45
C VAL A 19 9.82 4.84 6.76
N PRO A 20 10.62 5.20 7.76
CA PRO A 20 11.79 4.38 8.12
C PRO A 20 11.38 3.01 8.64
N SER A 21 12.38 2.12 8.71
CA SER A 21 12.16 0.76 9.17
C SER A 21 13.43 0.24 9.81
N ARG A 22 13.27 -0.74 10.68
CA ARG A 22 14.39 -1.39 11.35
C ARG A 22 14.11 -2.88 11.46
N ALA A 23 15.17 -3.67 11.56
CA ALA A 23 15.02 -5.10 11.70
C ALA A 23 14.42 -5.45 13.06
N ARG A 24 13.59 -6.50 13.07
CA ARG A 24 13.00 -6.95 14.32
C ARG A 24 13.97 -7.73 15.19
N VAL A 25 15.08 -8.20 14.61
CA VAL A 25 16.06 -9.00 15.34
C VAL A 25 17.45 -8.54 14.94
N TYR A 26 18.38 -8.60 15.89
CA TYR A 26 19.79 -8.25 15.67
C TYR A 26 19.93 -6.83 15.12
N THR A 27 19.17 -5.90 15.71
CA THR A 27 19.09 -4.55 15.16
C THR A 27 20.40 -3.80 15.33
N ASP A 28 20.94 -3.77 16.55
CA ASP A 28 22.10 -2.94 16.88
C ASP A 28 23.35 -3.77 17.16
N VAL A 29 23.48 -4.93 16.53
CA VAL A 29 24.65 -5.77 16.77
C VAL A 29 25.91 -5.10 16.25
N ASN A 30 25.87 -4.57 15.02
CA ASN A 30 27.05 -3.94 14.45
C ASN A 30 27.34 -2.60 15.11
N THR A 31 26.30 -1.89 15.57
CA THR A 31 26.53 -0.63 16.26
C THR A 31 27.25 -0.85 17.58
N HIS A 32 26.97 -1.96 18.26
CA HIS A 32 27.62 -2.27 19.52
C HIS A 32 28.98 -2.94 19.33
N ARG A 33 29.27 -3.46 18.14
CA ARG A 33 30.57 -4.04 17.87
C ARG A 33 31.64 -2.96 17.81
N PRO A 34 32.90 -3.33 18.03
CA PRO A 34 33.99 -2.39 17.75
C PRO A 34 34.04 -2.08 16.26
N ARG A 35 34.58 -0.89 15.94
CA ARG A 35 34.60 -0.45 14.55
C ARG A 35 35.37 -1.43 13.66
N GLU A 36 36.36 -2.10 14.23
CA GLU A 36 37.17 -3.04 13.45
C GLU A 36 36.34 -4.17 12.85
N TYR A 37 35.20 -4.49 13.43
CA TYR A 37 34.41 -5.62 12.94
C TYR A 37 33.80 -5.31 11.58
N TRP A 38 33.19 -4.14 11.43
CA TRP A 38 32.44 -3.80 10.23
C TRP A 38 33.14 -2.76 9.35
N ASP A 39 34.34 -2.31 9.71
CA ASP A 39 35.09 -1.39 8.87
C ASP A 39 36.01 -2.21 7.97
N TYR A 40 35.42 -2.78 6.92
CA TYR A 40 36.17 -3.61 5.99
C TYR A 40 37.16 -2.81 5.16
N GLU A 41 36.93 -1.51 4.99
CA GLU A 41 37.87 -0.68 4.23
C GLU A 41 39.22 -0.57 4.94
N SER A 42 39.22 -0.53 6.27
CA SER A 42 40.45 -0.46 7.03
C SER A 42 41.08 -1.82 7.30
N HIS A 43 40.51 -2.89 6.75
CA HIS A 43 41.02 -4.23 6.98
C HIS A 43 42.28 -4.46 6.16
N VAL A 44 43.32 -4.99 6.81
CA VAL A 44 44.58 -5.33 6.15
C VAL A 44 44.56 -6.82 5.83
N VAL A 45 44.85 -7.16 4.58
CA VAL A 45 44.79 -8.53 4.11
C VAL A 45 46.14 -9.20 4.34
N GLU A 46 46.14 -10.31 5.05
CA GLU A 46 47.33 -11.16 5.23
C GLU A 46 47.39 -12.13 4.06
N TRP A 47 48.38 -11.96 3.19
CA TRP A 47 48.46 -12.76 1.96
C TRP A 47 49.22 -14.05 2.22
N GLY A 48 48.72 -15.14 1.63
CA GLY A 48 49.38 -16.43 1.68
C GLY A 48 50.34 -16.65 0.52
N ASN A 49 50.70 -17.91 0.32
CA ASN A 49 51.61 -18.31 -0.74
C ASN A 49 50.81 -18.98 -1.85
N GLN A 50 50.71 -18.30 -3.00
CA GLN A 50 49.96 -18.85 -4.13
C GLN A 50 50.63 -20.08 -4.72
N ASP A 51 51.93 -20.26 -4.49
CA ASP A 51 52.66 -21.41 -5.01
C ASP A 51 52.39 -22.70 -4.24
N ASP A 52 51.52 -22.66 -3.24
CA ASP A 52 51.12 -23.86 -2.51
C ASP A 52 49.96 -24.58 -3.19
N TYR A 53 49.41 -24.02 -4.26
CA TYR A 53 48.21 -24.56 -4.89
C TYR A 53 48.43 -24.71 -6.39
N GLN A 54 47.92 -25.79 -6.95
CA GLN A 54 48.02 -26.07 -8.38
C GLN A 54 46.61 -26.30 -8.91
N LEU A 55 46.20 -25.45 -9.85
CA LEU A 55 44.86 -25.56 -10.43
C LEU A 55 44.73 -26.85 -11.22
N VAL A 56 43.55 -27.47 -11.13
CA VAL A 56 43.26 -28.75 -11.78
C VAL A 56 42.28 -28.57 -12.93
N ARG A 57 41.06 -28.12 -12.63
CA ARG A 57 40.05 -27.94 -13.66
C ARG A 57 39.14 -26.79 -13.26
N LYS A 58 38.47 -26.21 -14.26
CA LYS A 58 37.54 -25.12 -14.04
C LYS A 58 36.17 -25.66 -13.68
N LEU A 59 35.53 -25.01 -12.71
CA LEU A 59 34.21 -25.42 -12.24
C LEU A 59 33.09 -24.51 -12.73
N GLY A 60 33.37 -23.24 -13.01
CA GLY A 60 32.34 -22.34 -13.48
C GLY A 60 32.94 -21.00 -13.85
N ARG A 61 32.14 -20.23 -14.60
CA ARG A 61 32.57 -18.91 -15.07
C ARG A 61 31.58 -17.84 -14.65
N GLY A 62 31.32 -16.89 -15.55
CA GLY A 62 30.39 -15.81 -15.32
C GLY A 62 31.08 -14.53 -14.89
N LYS A 63 30.36 -13.42 -15.05
CA LYS A 63 30.88 -12.09 -14.76
C LYS A 63 30.86 -11.82 -13.24
N TYR A 64 31.52 -12.71 -12.49
CA TYR A 64 31.67 -12.48 -11.06
C TYR A 64 32.97 -13.00 -10.49
N SER A 65 33.74 -13.79 -11.25
CA SER A 65 34.86 -14.59 -10.75
C SER A 65 35.04 -15.82 -11.64
N GLU A 66 36.23 -16.43 -11.60
CA GLU A 66 36.48 -17.70 -12.27
C GLU A 66 36.84 -18.72 -11.20
N VAL A 67 35.97 -19.70 -11.00
CA VAL A 67 36.10 -20.66 -9.92
C VAL A 67 36.83 -21.89 -10.43
N PHE A 68 37.91 -22.26 -9.76
CA PHE A 68 38.72 -23.41 -10.12
C PHE A 68 38.76 -24.42 -8.97
N GLU A 69 39.11 -25.64 -9.32
CA GLU A 69 39.39 -26.69 -8.34
C GLU A 69 40.89 -26.95 -8.36
N ALA A 70 41.53 -26.84 -7.19
CA ALA A 70 42.97 -26.94 -7.09
C ALA A 70 43.34 -27.96 -6.03
N ILE A 71 44.64 -28.21 -5.89
CA ILE A 71 45.17 -29.17 -4.93
C ILE A 71 46.25 -28.48 -4.11
N ASN A 72 46.08 -28.44 -2.79
CA ASN A 72 47.10 -27.93 -1.89
C ASN A 72 48.22 -28.95 -1.79
N ILE A 73 49.32 -28.71 -2.53
CA ILE A 73 50.43 -29.66 -2.55
C ILE A 73 51.17 -29.72 -1.22
N THR A 74 50.84 -28.84 -0.28
CA THR A 74 51.47 -28.89 1.03
C THR A 74 50.99 -30.10 1.84
N ASN A 75 49.67 -30.35 1.84
CA ASN A 75 49.11 -31.44 2.60
C ASN A 75 48.29 -32.40 1.73
N ASN A 76 48.39 -32.28 0.41
CA ASN A 76 47.68 -33.16 -0.53
C ASN A 76 46.18 -33.13 -0.28
N GLU A 77 45.64 -31.95 -0.08
CA GLU A 77 44.21 -31.75 0.13
C GLU A 77 43.61 -30.95 -1.02
N LYS A 78 42.40 -31.33 -1.42
CA LYS A 78 41.71 -30.61 -2.48
C LYS A 78 41.19 -29.27 -1.94
N VAL A 79 41.21 -28.25 -2.82
CA VAL A 79 40.73 -26.92 -2.46
C VAL A 79 39.98 -26.34 -3.65
N VAL A 80 39.29 -25.23 -3.41
CA VAL A 80 38.56 -24.49 -4.42
C VAL A 80 39.08 -23.06 -4.43
N VAL A 81 39.53 -22.59 -5.58
CA VAL A 81 40.13 -21.27 -5.73
C VAL A 81 39.18 -20.40 -6.55
N LYS A 82 38.88 -19.21 -6.03
CA LYS A 82 38.02 -18.24 -6.72
C LYS A 82 38.88 -17.04 -7.12
N ILE A 83 39.09 -16.89 -8.44
CA ILE A 83 39.85 -15.78 -8.98
C ILE A 83 38.96 -14.55 -9.02
N LEU A 84 39.32 -13.52 -8.25
CA LEU A 84 38.54 -12.31 -8.17
C LEU A 84 38.80 -11.42 -9.38
N LYS A 85 37.74 -10.71 -9.81
CA LYS A 85 37.81 -9.88 -11.00
C LYS A 85 38.31 -8.49 -10.68
N PRO A 86 38.90 -7.80 -11.66
CA PRO A 86 39.36 -6.42 -11.44
C PRO A 86 38.23 -5.47 -11.06
N VAL A 87 37.56 -5.75 -9.95
CA VAL A 87 36.49 -4.90 -9.46
C VAL A 87 37.09 -3.88 -8.51
N LYS A 88 36.28 -3.21 -7.70
CA LYS A 88 36.81 -2.24 -6.75
C LYS A 88 37.35 -2.95 -5.52
N LYS A 89 38.50 -2.48 -5.04
CA LYS A 89 39.09 -3.02 -3.81
C LYS A 89 38.16 -2.84 -2.62
N LYS A 90 37.32 -1.81 -2.66
CA LYS A 90 36.36 -1.58 -1.58
C LYS A 90 35.45 -2.78 -1.38
N LYS A 91 34.95 -3.37 -2.47
CA LYS A 91 34.07 -4.53 -2.34
C LYS A 91 34.84 -5.81 -2.08
N ILE A 92 36.09 -5.88 -2.52
CA ILE A 92 36.88 -7.10 -2.33
C ILE A 92 37.25 -7.28 -0.86
N LYS A 93 37.52 -6.17 -0.17
CA LYS A 93 37.79 -6.26 1.26
C LYS A 93 36.54 -6.59 2.06
N ARG A 94 35.37 -6.20 1.56
CA ARG A 94 34.12 -6.48 2.27
C ARG A 94 33.84 -7.97 2.30
N GLU A 95 34.01 -8.65 1.16
CA GLU A 95 33.77 -10.09 1.12
C GLU A 95 34.79 -10.83 1.96
N ILE A 96 36.03 -10.35 1.99
CA ILE A 96 37.07 -10.98 2.81
C ILE A 96 36.75 -10.81 4.30
N LYS A 97 36.36 -9.60 4.70
CA LYS A 97 36.05 -9.35 6.11
C LYS A 97 34.83 -10.13 6.55
N ILE A 98 33.82 -10.25 5.69
CA ILE A 98 32.62 -10.99 6.04
C ILE A 98 32.94 -12.48 6.19
N LEU A 99 33.78 -13.02 5.29
CA LEU A 99 34.16 -14.42 5.38
C LEU A 99 34.97 -14.71 6.64
N GLU A 100 35.77 -13.75 7.11
CA GLU A 100 36.56 -13.97 8.31
C GLU A 100 35.71 -13.86 9.57
N ASN A 101 34.74 -12.94 9.58
CA ASN A 101 33.87 -12.81 10.74
C ASN A 101 32.99 -14.05 10.92
N LEU A 102 32.65 -14.72 9.83
CA LEU A 102 31.79 -15.90 9.85
C LEU A 102 32.57 -17.21 9.88
N ARG A 103 33.89 -17.16 9.90
CA ARG A 103 34.70 -18.38 9.86
C ARG A 103 34.41 -19.24 11.09
N GLY A 104 33.98 -20.47 10.84
CA GLY A 104 33.62 -21.39 11.90
C GLY A 104 32.14 -21.52 12.17
N GLY A 105 31.30 -20.77 11.47
CA GLY A 105 29.88 -20.84 11.67
C GLY A 105 29.26 -22.08 11.06
N PRO A 106 28.04 -22.41 11.48
CA PRO A 106 27.38 -23.63 10.96
C PRO A 106 27.00 -23.46 9.50
N ASN A 107 27.44 -24.41 8.68
CA ASN A 107 27.10 -24.48 7.26
C ASN A 107 27.56 -23.25 6.48
N ILE A 108 28.53 -22.51 7.02
CA ILE A 108 29.12 -21.37 6.34
C ILE A 108 30.41 -21.83 5.67
N ILE A 109 30.62 -21.41 4.42
CA ILE A 109 31.85 -21.78 3.72
C ILE A 109 33.05 -21.18 4.45
N THR A 110 34.11 -21.98 4.56
CA THR A 110 35.28 -21.62 5.34
C THR A 110 36.38 -21.11 4.41
N LEU A 111 36.81 -19.87 4.62
CA LEU A 111 37.92 -19.29 3.85
C LEU A 111 39.24 -19.84 4.39
N ALA A 112 39.94 -20.61 3.55
CA ALA A 112 41.18 -21.25 3.97
C ALA A 112 42.41 -20.35 3.78
N ASP A 113 42.47 -19.60 2.69
CA ASP A 113 43.65 -18.80 2.40
C ASP A 113 43.31 -17.72 1.39
N ILE A 114 44.14 -16.68 1.37
CA ILE A 114 44.05 -15.56 0.44
C ILE A 114 45.43 -15.31 -0.14
N VAL A 115 45.58 -15.43 -1.45
CA VAL A 115 46.87 -15.29 -2.10
C VAL A 115 46.81 -14.17 -3.13
N LYS A 116 47.99 -13.75 -3.59
CA LYS A 116 48.14 -12.72 -4.61
C LYS A 116 48.93 -13.26 -5.79
N ASP A 117 48.49 -12.92 -7.00
CA ASP A 117 49.26 -13.26 -8.20
C ASP A 117 50.58 -12.49 -8.19
N PRO A 118 51.73 -13.16 -8.24
CA PRO A 118 53.00 -12.43 -8.20
C PRO A 118 53.22 -11.50 -9.39
N VAL A 119 52.57 -11.76 -10.52
CA VAL A 119 52.79 -10.97 -11.72
C VAL A 119 51.74 -9.86 -11.84
N SER A 120 50.47 -10.26 -11.94
CA SER A 120 49.38 -9.32 -12.16
C SER A 120 48.77 -8.77 -10.87
N ARG A 121 49.25 -9.23 -9.71
CA ARG A 121 48.75 -8.78 -8.41
C ARG A 121 47.25 -9.03 -8.25
N THR A 122 46.72 -10.06 -8.91
CA THR A 122 45.29 -10.34 -8.81
C THR A 122 45.01 -11.19 -7.57
N PRO A 123 44.05 -10.79 -6.73
CA PRO A 123 43.74 -11.58 -5.54
C PRO A 123 43.02 -12.87 -5.89
N ALA A 124 43.11 -13.83 -4.97
CA ALA A 124 42.46 -15.13 -5.13
C ALA A 124 42.11 -15.68 -3.77
N LEU A 125 40.85 -16.12 -3.61
CA LEU A 125 40.38 -16.72 -2.37
C LEU A 125 40.46 -18.24 -2.46
N VAL A 126 40.90 -18.87 -1.37
CA VAL A 126 41.03 -20.31 -1.28
C VAL A 126 40.07 -20.81 -0.20
N PHE A 127 39.17 -21.70 -0.58
CA PHE A 127 38.18 -22.28 0.33
C PHE A 127 38.48 -23.75 0.52
N GLU A 128 37.89 -24.30 1.60
CA GLU A 128 37.91 -25.74 1.79
C GLU A 128 37.18 -26.41 0.62
N HIS A 129 37.61 -27.62 0.27
CA HIS A 129 37.03 -28.29 -0.88
C HIS A 129 35.57 -28.60 -0.62
N VAL A 130 34.75 -28.37 -1.63
CA VAL A 130 33.32 -28.67 -1.57
C VAL A 130 32.93 -29.40 -2.84
N ASN A 131 32.06 -30.41 -2.70
CA ASN A 131 31.54 -31.12 -3.86
C ASN A 131 30.82 -30.15 -4.77
N ASN A 132 31.29 -30.05 -6.02
CA ASN A 132 30.74 -29.07 -6.95
C ASN A 132 29.31 -29.45 -7.37
N THR A 133 28.46 -29.71 -6.39
CA THR A 133 27.05 -30.01 -6.62
C THR A 133 26.24 -28.98 -5.84
N ASP A 134 25.80 -27.91 -6.51
CA ASP A 134 24.97 -26.92 -5.85
C ASP A 134 23.59 -27.50 -5.56
N PHE A 135 22.83 -26.77 -4.73
CA PHE A 135 21.48 -27.19 -4.40
C PHE A 135 20.55 -27.19 -5.61
N LYS A 136 20.92 -26.48 -6.69
CA LYS A 136 20.00 -26.36 -7.82
C LYS A 136 19.90 -27.66 -8.61
N GLN A 137 21.00 -28.42 -8.71
CA GLN A 137 20.94 -29.70 -9.40
C GLN A 137 20.36 -30.82 -8.54
N LEU A 138 19.80 -30.51 -7.37
CA LEU A 138 19.28 -31.56 -6.51
C LEU A 138 17.94 -31.23 -5.86
N TYR A 139 17.58 -29.95 -5.67
CA TYR A 139 16.41 -29.60 -4.87
C TYR A 139 15.08 -29.88 -5.54
N GLN A 140 15.06 -30.16 -6.85
CA GLN A 140 13.82 -30.56 -7.51
C GLN A 140 13.61 -32.06 -7.53
N THR A 141 14.44 -32.81 -6.80
CA THR A 141 14.37 -34.27 -6.79
C THR A 141 14.43 -34.82 -5.37
N LEU A 142 14.09 -33.99 -4.38
CA LEU A 142 14.20 -34.38 -2.98
C LEU A 142 12.89 -34.95 -2.46
N THR A 143 12.97 -35.61 -1.30
CA THR A 143 11.81 -36.14 -0.63
C THR A 143 11.25 -35.10 0.33
N ASP A 144 10.13 -35.44 0.97
CA ASP A 144 9.54 -34.54 1.96
C ASP A 144 10.48 -34.30 3.13
N TYR A 145 11.11 -35.36 3.64
CA TYR A 145 12.01 -35.21 4.77
C TYR A 145 13.29 -34.47 4.39
N ASP A 146 13.77 -34.69 3.15
CA ASP A 146 14.98 -34.01 2.70
C ASP A 146 14.77 -32.51 2.60
N ILE A 147 13.60 -32.08 2.12
CA ILE A 147 13.30 -30.65 2.04
C ILE A 147 13.30 -30.03 3.43
N ARG A 148 12.64 -30.70 4.39
CA ARG A 148 12.61 -30.20 5.76
C ARG A 148 14.00 -30.14 6.37
N PHE A 149 14.83 -31.15 6.10
CA PHE A 149 16.17 -31.21 6.68
C PHE A 149 17.06 -30.12 6.12
N TYR A 150 17.11 -30.00 4.78
CA TYR A 150 18.00 -29.04 4.14
C TYR A 150 17.54 -27.60 4.34
N MET A 151 16.23 -27.37 4.41
CA MET A 151 15.73 -26.06 4.79
C MET A 151 16.20 -25.67 6.18
N TYR A 152 16.23 -26.64 7.10
CA TYR A 152 16.71 -26.35 8.46
C TYR A 152 18.20 -26.06 8.47
N GLU A 153 18.98 -26.72 7.61
CA GLU A 153 20.40 -26.44 7.53
C GLU A 153 20.66 -25.07 6.91
N ILE A 154 19.87 -24.69 5.90
CA ILE A 154 20.01 -23.35 5.34
C ILE A 154 19.62 -22.30 6.38
N LEU A 155 18.63 -22.61 7.22
CA LEU A 155 18.24 -21.69 8.28
C LEU A 155 19.36 -21.51 9.30
N LYS A 156 20.14 -22.57 9.58
CA LYS A 156 21.25 -22.44 10.51
C LYS A 156 22.27 -21.42 10.02
N ALA A 157 22.58 -21.45 8.73
CA ALA A 157 23.53 -20.49 8.18
C ALA A 157 22.95 -19.07 8.19
N LEU A 158 21.66 -18.94 7.87
CA LEU A 158 21.05 -17.61 7.84
C LEU A 158 20.96 -17.01 9.23
N ASP A 159 20.54 -17.79 10.22
CA ASP A 159 20.42 -17.27 11.58
C ASP A 159 21.77 -16.91 12.17
N TYR A 160 22.83 -17.63 11.78
CA TYR A 160 24.16 -17.31 12.29
C TYR A 160 24.66 -15.99 11.74
N CYS A 161 24.64 -15.84 10.41
CA CYS A 161 25.17 -14.61 9.81
C CYS A 161 24.30 -13.40 10.16
N HIS A 162 23.00 -13.61 10.34
CA HIS A 162 22.15 -12.52 10.81
C HIS A 162 22.53 -12.10 12.22
N SER A 163 22.80 -13.07 13.10
CA SER A 163 23.24 -12.75 14.45
C SER A 163 24.60 -12.07 14.47
N MET A 164 25.40 -12.26 13.41
CA MET A 164 26.68 -11.59 13.28
C MET A 164 26.56 -10.25 12.55
N GLY A 165 25.35 -9.78 12.30
CA GLY A 165 25.15 -8.49 11.66
C GLY A 165 25.39 -8.47 10.17
N ILE A 166 25.23 -9.61 9.50
CA ILE A 166 25.54 -9.73 8.08
C ILE A 166 24.34 -10.36 7.37
N MET A 167 23.92 -9.75 6.27
CA MET A 167 22.87 -10.28 5.43
C MET A 167 23.46 -10.73 4.10
N HIS A 168 23.04 -11.92 3.64
CA HIS A 168 23.65 -12.51 2.45
C HIS A 168 23.24 -11.76 1.19
N ARG A 169 21.95 -11.45 1.06
CA ARG A 169 21.39 -10.68 -0.04
C ARG A 169 21.54 -11.37 -1.40
N ASP A 170 21.72 -12.69 -1.41
CA ASP A 170 21.80 -13.43 -2.67
C ASP A 170 21.50 -14.91 -2.45
N VAL A 171 20.47 -15.19 -1.65
CA VAL A 171 20.09 -16.58 -1.39
C VAL A 171 19.40 -17.15 -2.62
N LYS A 172 19.98 -18.22 -3.16
CA LYS A 172 19.42 -18.90 -4.33
C LYS A 172 20.04 -20.29 -4.40
N PRO A 173 19.41 -21.22 -5.11
CA PRO A 173 19.94 -22.59 -5.17
C PRO A 173 21.36 -22.68 -5.69
N HIS A 174 21.76 -21.79 -6.60
N HIS A 174 21.76 -21.81 -6.62
CA HIS A 174 23.12 -21.84 -7.13
CA HIS A 174 23.12 -21.83 -7.14
C HIS A 174 24.16 -21.44 -6.09
C HIS A 174 24.15 -21.46 -6.08
N ASN A 175 23.76 -20.74 -5.03
CA ASN A 175 24.66 -20.34 -3.96
C ASN A 175 24.58 -21.25 -2.75
N VAL A 176 24.10 -22.48 -2.93
CA VAL A 176 24.01 -23.46 -1.85
C VAL A 176 24.67 -24.74 -2.33
N MET A 177 25.87 -25.01 -1.82
CA MET A 177 26.59 -26.25 -2.13
C MET A 177 26.12 -27.36 -1.20
N ILE A 178 25.93 -28.55 -1.77
CA ILE A 178 25.34 -29.68 -1.05
C ILE A 178 26.17 -30.95 -1.31
N ASP A 179 26.35 -31.74 -0.26
CA ASP A 179 26.95 -33.07 -0.31
C ASP A 179 25.87 -34.05 0.14
N HIS A 180 25.10 -34.57 -0.81
CA HIS A 180 23.95 -35.40 -0.47
C HIS A 180 24.35 -36.70 0.21
N GLU A 181 25.53 -37.23 -0.14
CA GLU A 181 25.95 -38.51 0.43
C GLU A 181 26.21 -38.39 1.93
N HIS A 182 26.92 -37.34 2.34
CA HIS A 182 27.19 -37.10 3.75
C HIS A 182 26.20 -36.14 4.40
N ARG A 183 25.20 -35.67 3.64
CA ARG A 183 24.15 -34.80 4.14
C ARG A 183 24.69 -33.51 4.76
N LYS A 184 25.73 -32.94 4.14
CA LYS A 184 26.28 -31.65 4.56
C LYS A 184 25.93 -30.59 3.53
N LEU A 185 25.81 -29.36 4.02
CA LEU A 185 25.37 -28.22 3.24
C LEU A 185 26.20 -27.01 3.62
N ARG A 186 26.57 -26.21 2.62
CA ARG A 186 27.38 -25.01 2.82
C ARG A 186 26.79 -23.87 2.01
N LEU A 187 26.64 -22.72 2.66
CA LEU A 187 26.16 -21.50 2.00
C LEU A 187 27.38 -20.73 1.49
N ILE A 188 27.43 -20.50 0.18
CA ILE A 188 28.61 -19.93 -0.45
C ILE A 188 28.30 -18.61 -1.12
N ASP A 189 29.29 -18.04 -1.81
CA ASP A 189 29.18 -16.79 -2.56
C ASP A 189 28.69 -15.66 -1.68
N TRP A 190 29.61 -15.03 -0.93
CA TRP A 190 29.28 -13.90 -0.08
C TRP A 190 29.73 -12.57 -0.71
N GLY A 191 29.77 -12.51 -2.05
CA GLY A 191 30.17 -11.30 -2.72
C GLY A 191 29.17 -10.17 -2.64
N LEU A 192 27.90 -10.50 -2.43
CA LEU A 192 26.85 -9.50 -2.28
C LEU A 192 26.48 -9.23 -0.83
N ALA A 193 27.10 -9.95 0.11
CA ALA A 193 26.79 -9.75 1.52
C ALA A 193 27.20 -8.37 1.99
N GLU A 194 26.53 -7.89 3.02
CA GLU A 194 26.73 -6.53 3.51
C GLU A 194 26.38 -6.47 5.00
N PHE A 195 27.13 -5.63 5.73
CA PHE A 195 26.83 -5.41 7.13
C PHE A 195 25.54 -4.60 7.28
N TYR A 196 24.72 -4.96 8.26
CA TYR A 196 23.48 -4.24 8.51
C TYR A 196 23.70 -3.20 9.59
N HIS A 197 23.38 -1.94 9.27
CA HIS A 197 23.38 -0.85 10.23
C HIS A 197 22.02 -0.17 10.17
N PRO A 198 21.40 0.13 11.31
CA PRO A 198 20.06 0.73 11.30
C PRO A 198 20.05 2.08 10.61
N GLY A 199 19.02 2.30 9.80
CA GLY A 199 18.86 3.54 9.08
C GLY A 199 19.60 3.62 7.75
N GLN A 200 20.45 2.66 7.44
CA GLN A 200 21.19 2.69 6.20
C GLN A 200 20.27 2.37 5.03
N GLU A 201 20.48 3.07 3.91
CA GLU A 201 19.75 2.86 2.67
C GLU A 201 20.68 2.14 1.70
N TYR A 202 20.35 0.89 1.41
CA TYR A 202 21.22 0.02 0.62
C TYR A 202 20.79 0.02 -0.84
N ASN A 203 21.68 -0.52 -1.69
CA ASN A 203 21.38 -0.63 -3.11
C ASN A 203 20.36 -1.74 -3.34
N VAL A 204 19.29 -1.40 -4.06
CA VAL A 204 18.21 -2.38 -4.31
C VAL A 204 18.53 -3.34 -5.43
N ARG A 205 19.63 -3.14 -6.15
CA ARG A 205 20.00 -4.02 -7.26
C ARG A 205 20.90 -5.16 -6.77
N VAL A 206 20.34 -5.96 -5.86
CA VAL A 206 21.04 -7.11 -5.29
C VAL A 206 20.18 -8.34 -5.50
N ALA A 207 20.80 -9.51 -5.27
CA ALA A 207 20.16 -10.81 -5.42
C ALA A 207 19.74 -11.08 -6.86
N SER A 208 19.27 -12.30 -7.14
CA SER A 208 18.84 -12.67 -8.48
C SER A 208 17.40 -12.24 -8.71
N ARG A 209 17.05 -12.13 -9.99
CA ARG A 209 15.73 -11.64 -10.38
C ARG A 209 14.61 -12.47 -9.78
N TYR A 210 14.72 -13.80 -9.90
CA TYR A 210 13.67 -14.69 -9.40
C TYR A 210 13.60 -14.75 -7.89
N PHE A 211 14.50 -14.07 -7.17
CA PHE A 211 14.50 -14.11 -5.71
C PHE A 211 14.52 -12.72 -5.08
N LYS A 212 14.36 -11.67 -5.88
CA LYS A 212 14.26 -10.32 -5.33
C LYS A 212 12.97 -10.17 -4.53
N GLY A 213 13.09 -9.64 -3.32
CA GLY A 213 11.94 -9.36 -2.50
C GLY A 213 11.16 -8.16 -3.03
N PRO A 214 9.91 -8.01 -2.60
CA PRO A 214 9.13 -6.84 -3.04
C PRO A 214 9.75 -5.52 -2.65
N GLU A 215 10.52 -5.47 -1.55
CA GLU A 215 11.14 -4.21 -1.15
C GLU A 215 12.21 -3.77 -2.14
N LEU A 216 12.85 -4.71 -2.82
CA LEU A 216 13.81 -4.34 -3.86
C LEU A 216 13.10 -3.92 -5.15
N LEU A 217 11.93 -4.50 -5.42
CA LEU A 217 11.20 -4.19 -6.65
C LEU A 217 10.53 -2.83 -6.57
N VAL A 218 10.09 -2.41 -5.39
CA VAL A 218 9.44 -1.11 -5.21
C VAL A 218 10.45 -0.06 -4.78
N ASP A 219 11.73 -0.45 -4.73
CA ASP A 219 12.83 0.46 -4.39
C ASP A 219 12.68 1.03 -2.98
N TYR A 220 12.58 0.14 -2.01
CA TYR A 220 12.66 0.50 -0.60
C TYR A 220 14.05 0.13 -0.11
N GLN A 221 14.88 1.14 0.12
CA GLN A 221 16.30 0.92 0.34
C GLN A 221 16.64 0.55 1.79
N MET A 222 15.72 0.77 2.72
CA MET A 222 15.99 0.53 4.15
C MET A 222 15.49 -0.86 4.56
N TYR A 223 16.03 -1.89 3.90
CA TYR A 223 15.67 -3.26 4.22
C TYR A 223 16.67 -3.84 5.21
N ASP A 224 16.50 -5.12 5.54
CA ASP A 224 17.34 -5.77 6.53
C ASP A 224 17.48 -7.26 6.27
N TYR A 225 17.59 -8.05 7.33
CA TYR A 225 17.81 -9.49 7.18
C TYR A 225 16.63 -10.17 6.52
N SER A 226 15.43 -9.60 6.63
CA SER A 226 14.23 -10.21 6.08
C SER A 226 14.27 -10.37 4.57
N LEU A 227 15.22 -9.73 3.89
CA LEU A 227 15.38 -9.95 2.45
C LEU A 227 15.76 -11.39 2.15
N ASP A 228 16.64 -11.97 2.98
CA ASP A 228 17.04 -13.37 2.78
C ASP A 228 15.89 -14.32 3.04
N MET A 229 14.93 -13.94 3.90
CA MET A 229 13.82 -14.82 4.20
C MET A 229 12.83 -14.90 3.04
N TRP A 230 12.71 -13.84 2.25
CA TRP A 230 11.89 -13.92 1.04
C TRP A 230 12.55 -14.84 0.02
N SER A 231 13.86 -14.68 -0.20
CA SER A 231 14.56 -15.54 -1.13
C SER A 231 14.49 -17.00 -0.68
N LEU A 232 14.53 -17.23 0.63
CA LEU A 232 14.39 -18.59 1.15
C LEU A 232 12.98 -19.12 0.88
N GLY A 233 11.97 -18.26 1.00
CA GLY A 233 10.61 -18.69 0.70
C GLY A 233 10.42 -19.03 -0.76
N CYS A 234 11.13 -18.34 -1.66
CA CYS A 234 11.06 -18.67 -3.08
C CYS A 234 11.69 -20.03 -3.36
N MET A 235 12.74 -20.40 -2.62
CA MET A 235 13.34 -21.71 -2.78
C MET A 235 12.39 -22.80 -2.27
N LEU A 236 11.73 -22.55 -1.15
CA LEU A 236 10.81 -23.54 -0.61
C LEU A 236 9.60 -23.74 -1.52
N ALA A 237 9.04 -22.65 -2.05
CA ALA A 237 7.93 -22.76 -2.97
C ALA A 237 8.35 -23.49 -4.25
N SER A 238 9.59 -23.31 -4.68
CA SER A 238 10.08 -24.00 -5.87
C SER A 238 10.24 -25.50 -5.63
N MET A 239 10.39 -25.93 -4.38
CA MET A 239 10.62 -27.34 -4.07
C MET A 239 9.32 -28.09 -3.80
N ILE A 240 8.50 -27.60 -2.87
CA ILE A 240 7.28 -28.31 -2.52
C ILE A 240 6.24 -28.27 -3.63
N PHE A 241 6.35 -27.34 -4.57
CA PHE A 241 5.42 -27.25 -5.68
C PHE A 241 6.00 -27.77 -6.99
N ARG A 242 7.29 -28.12 -7.01
CA ARG A 242 7.95 -28.62 -8.21
C ARG A 242 7.80 -27.65 -9.38
N LYS A 243 8.07 -26.38 -9.09
CA LYS A 243 7.94 -25.31 -10.09
C LYS A 243 9.18 -24.43 -9.99
N GLU A 244 10.04 -24.48 -11.01
CA GLU A 244 11.33 -23.78 -10.98
C GLU A 244 11.43 -22.80 -12.12
N PRO A 245 11.46 -21.48 -11.86
CA PRO A 245 11.32 -20.85 -10.54
C PRO A 245 9.86 -20.62 -10.19
N PHE A 246 9.55 -20.28 -8.94
CA PHE A 246 8.16 -20.05 -8.58
C PHE A 246 7.66 -18.73 -9.14
N PHE A 247 8.48 -17.68 -9.09
CA PHE A 247 8.18 -16.39 -9.69
C PHE A 247 9.08 -16.22 -10.90
N HIS A 248 8.53 -16.41 -12.09
CA HIS A 248 9.29 -16.43 -13.34
C HIS A 248 8.91 -15.19 -14.15
N GLY A 249 9.45 -14.04 -13.76
CA GLY A 249 9.23 -12.81 -14.49
C GLY A 249 10.30 -12.55 -15.54
N HIS A 250 9.90 -11.86 -16.60
CA HIS A 250 10.80 -11.58 -17.71
C HIS A 250 11.68 -10.36 -17.50
N ASP A 251 11.46 -9.60 -16.43
CA ASP A 251 12.34 -8.49 -16.05
C ASP A 251 12.02 -8.13 -14.60
N ASN A 252 12.65 -7.06 -14.11
CA ASN A 252 12.43 -6.64 -12.73
C ASN A 252 11.01 -6.12 -12.53
N TYR A 253 10.47 -5.41 -13.52
CA TYR A 253 9.10 -4.92 -13.40
C TYR A 253 8.09 -6.05 -13.46
N ASP A 254 8.26 -6.98 -14.41
CA ASP A 254 7.36 -8.13 -14.49
C ASP A 254 7.50 -9.04 -13.29
N GLN A 255 8.66 -9.04 -12.62
CA GLN A 255 8.83 -9.89 -11.44
C GLN A 255 7.82 -9.53 -10.37
N LEU A 256 7.58 -8.23 -10.15
CA LEU A 256 6.57 -7.81 -9.18
C LEU A 256 5.17 -8.19 -9.65
N VAL A 257 4.95 -8.22 -10.97
CA VAL A 257 3.64 -8.59 -11.49
C VAL A 257 3.35 -10.07 -11.21
N ARG A 258 4.35 -10.93 -11.41
CA ARG A 258 4.17 -12.35 -11.13
C ARG A 258 3.94 -12.60 -9.65
N ILE A 259 4.57 -11.80 -8.78
CA ILE A 259 4.33 -11.91 -7.34
C ILE A 259 2.92 -11.45 -7.00
N ALA A 260 2.47 -10.35 -7.60
CA ALA A 260 1.14 -9.85 -7.32
C ALA A 260 0.05 -10.78 -7.82
N LYS A 261 0.33 -11.54 -8.90
CA LYS A 261 -0.63 -12.51 -9.39
C LYS A 261 -0.87 -13.65 -8.41
N VAL A 262 0.00 -13.83 -7.43
CA VAL A 262 -0.12 -14.89 -6.43
C VAL A 262 -0.54 -14.33 -5.07
N LEU A 263 0.16 -13.30 -4.60
CA LEU A 263 -0.13 -12.73 -3.29
C LEU A 263 -1.28 -11.73 -3.33
N GLY A 264 -1.67 -11.26 -4.50
CA GLY A 264 -2.73 -10.27 -4.58
C GLY A 264 -2.23 -8.85 -4.46
N THR A 265 -2.92 -7.94 -5.15
CA THR A 265 -2.50 -6.54 -5.17
C THR A 265 -3.02 -5.76 -3.97
N GLU A 266 -4.02 -6.27 -3.26
CA GLU A 266 -4.54 -5.56 -2.10
C GLU A 266 -3.46 -5.36 -1.04
N ASP A 267 -2.77 -6.44 -0.68
CA ASP A 267 -1.69 -6.35 0.30
C ASP A 267 -0.48 -5.61 -0.25
N LEU A 268 -0.34 -5.53 -1.57
CA LEU A 268 0.78 -4.79 -2.15
C LEU A 268 0.60 -3.29 -1.94
N TYR A 269 -0.60 -2.76 -2.25
CA TYR A 269 -0.85 -1.33 -2.09
C TYR A 269 -0.98 -0.94 -0.63
N ASP A 270 -1.41 -1.86 0.24
CA ASP A 270 -1.39 -1.58 1.67
C ASP A 270 0.04 -1.52 2.20
N TYR A 271 0.90 -2.40 1.69
CA TYR A 271 2.31 -2.37 2.05
C TYR A 271 2.98 -1.07 1.60
N ILE A 272 2.56 -0.56 0.45
CA ILE A 272 3.13 0.68 -0.07
C ILE A 272 2.66 1.88 0.73
N ASP A 273 1.36 1.94 1.04
CA ASP A 273 0.83 3.08 1.80
C ASP A 273 1.35 3.08 3.24
N LYS A 274 1.67 1.92 3.79
CA LYS A 274 2.18 1.86 5.16
C LYS A 274 3.53 2.55 5.28
N TYR A 275 4.48 2.17 4.42
CA TYR A 275 5.82 2.74 4.44
C TYR A 275 5.95 3.98 3.56
N ASN A 276 4.84 4.48 3.00
CA ASN A 276 4.83 5.69 2.18
C ASN A 276 5.83 5.57 1.03
N ILE A 277 5.83 4.40 0.38
CA ILE A 277 6.76 4.13 -0.71
C ILE A 277 6.26 4.80 -1.98
N GLU A 278 7.14 5.52 -2.66
CA GLU A 278 6.78 6.14 -3.93
C GLU A 278 6.97 5.11 -5.03
N LEU A 279 5.89 4.45 -5.42
CA LEU A 279 5.96 3.40 -6.44
C LEU A 279 6.27 4.01 -7.80
N ASP A 280 7.03 3.26 -8.59
CA ASP A 280 7.35 3.70 -9.94
C ASP A 280 6.05 3.84 -10.75
N PRO A 281 5.84 4.97 -11.42
CA PRO A 281 4.58 5.15 -12.18
C PRO A 281 4.39 4.14 -13.30
N ARG A 282 5.45 3.47 -13.76
CA ARG A 282 5.30 2.48 -14.82
C ARG A 282 4.64 1.20 -14.31
N PHE A 283 4.67 0.95 -13.00
CA PHE A 283 4.00 -0.25 -12.48
C PHE A 283 2.49 -0.14 -12.61
N ASN A 284 1.94 1.07 -12.59
CA ASN A 284 0.49 1.23 -12.60
C ASN A 284 -0.12 0.70 -13.88
N ASP A 285 0.63 0.74 -14.99
CA ASP A 285 0.11 0.31 -16.28
C ASP A 285 0.16 -1.20 -16.46
N ILE A 286 0.88 -1.92 -15.60
CA ILE A 286 1.05 -3.36 -15.75
C ILE A 286 0.56 -4.13 -14.53
N LEU A 287 0.12 -3.46 -13.48
CA LEU A 287 -0.31 -4.14 -12.24
C LEU A 287 -1.79 -4.50 -12.30
N GLY A 288 -2.65 -3.49 -12.16
CA GLY A 288 -4.08 -3.74 -12.15
C GLY A 288 -4.55 -4.36 -10.84
N ARG A 289 -5.52 -5.26 -10.91
CA ARG A 289 -6.08 -5.90 -9.73
C ARG A 289 -5.92 -7.41 -9.84
N HIS A 290 -5.41 -8.03 -8.78
CA HIS A 290 -5.31 -9.47 -8.68
C HIS A 290 -5.75 -9.90 -7.30
N SER A 291 -6.65 -10.89 -7.24
CA SER A 291 -7.04 -11.46 -5.96
C SER A 291 -5.97 -12.42 -5.48
N ARG A 292 -5.94 -12.63 -4.16
CA ARG A 292 -4.97 -13.54 -3.59
C ARG A 292 -5.35 -14.99 -3.90
N LYS A 293 -4.42 -15.74 -4.49
CA LYS A 293 -4.63 -17.15 -4.77
C LYS A 293 -4.11 -17.99 -3.62
N ARG A 294 -4.95 -18.89 -3.13
CA ARG A 294 -4.58 -19.74 -2.01
C ARG A 294 -3.48 -20.72 -2.43
N TRP A 295 -2.63 -21.09 -1.47
CA TRP A 295 -1.50 -21.96 -1.77
C TRP A 295 -1.93 -23.36 -2.16
N GLU A 296 -3.15 -23.77 -1.79
CA GLU A 296 -3.65 -25.08 -2.18
C GLU A 296 -3.88 -25.17 -3.68
N ARG A 297 -4.06 -24.04 -4.35
CA ARG A 297 -4.33 -24.01 -5.79
C ARG A 297 -3.11 -24.37 -6.63
N PHE A 298 -1.92 -24.38 -6.03
CA PHE A 298 -0.69 -24.76 -6.72
C PHE A 298 -0.36 -26.24 -6.55
N VAL A 299 -1.24 -27.02 -5.91
CA VAL A 299 -0.99 -28.42 -5.62
C VAL A 299 -1.66 -29.27 -6.70
N HIS A 300 -0.86 -30.06 -7.39
CA HIS A 300 -1.35 -31.03 -8.36
C HIS A 300 -0.86 -32.43 -7.95
N SER A 301 -1.08 -33.41 -8.83
CA SER A 301 -0.77 -34.79 -8.49
C SER A 301 0.72 -35.08 -8.42
N GLU A 302 1.56 -34.20 -8.98
CA GLU A 302 3.00 -34.43 -9.00
C GLU A 302 3.73 -33.80 -7.82
N ASN A 303 3.05 -32.97 -7.01
CA ASN A 303 3.70 -32.34 -5.87
C ASN A 303 2.87 -32.47 -4.59
N GLN A 304 1.79 -33.24 -4.60
CA GLN A 304 0.91 -33.31 -3.44
C GLN A 304 1.58 -33.99 -2.26
N HIS A 305 2.52 -34.91 -2.51
CA HIS A 305 3.19 -35.60 -1.42
C HIS A 305 4.21 -34.70 -0.72
N LEU A 306 4.65 -33.63 -1.36
CA LEU A 306 5.58 -32.69 -0.75
C LEU A 306 4.88 -31.55 -0.03
N VAL A 307 3.57 -31.38 -0.23
CA VAL A 307 2.80 -30.29 0.36
C VAL A 307 2.03 -30.82 1.56
N SER A 308 2.07 -30.06 2.65
CA SER A 308 1.37 -30.39 3.87
C SER A 308 0.83 -29.10 4.47
N PRO A 309 -0.16 -29.19 5.37
CA PRO A 309 -0.63 -27.96 6.04
C PRO A 309 0.46 -27.21 6.77
N GLU A 310 1.48 -27.91 7.29
CA GLU A 310 2.58 -27.23 7.94
C GLU A 310 3.47 -26.51 6.92
N ALA A 311 3.62 -27.10 5.73
CA ALA A 311 4.42 -26.47 4.69
C ALA A 311 3.77 -25.19 4.18
N LEU A 312 2.45 -25.22 3.97
CA LEU A 312 1.76 -24.03 3.46
C LEU A 312 1.71 -22.93 4.51
N ASP A 313 1.51 -23.28 5.78
CA ASP A 313 1.52 -22.28 6.84
C ASP A 313 2.90 -21.66 6.98
N PHE A 314 3.95 -22.47 6.90
CA PHE A 314 5.31 -21.95 6.99
C PHE A 314 5.65 -21.10 5.76
N LEU A 315 5.20 -21.54 4.58
CA LEU A 315 5.45 -20.76 3.37
C LEU A 315 4.68 -19.44 3.37
N ASP A 316 3.44 -19.46 3.86
CA ASP A 316 2.63 -18.24 3.86
C ASP A 316 3.22 -17.18 4.79
N LYS A 317 3.95 -17.59 5.82
CA LYS A 317 4.56 -16.66 6.75
C LYS A 317 5.95 -16.22 6.30
N LEU A 318 6.45 -16.75 5.19
CA LEU A 318 7.70 -16.29 4.58
C LEU A 318 7.49 -15.35 3.41
N LEU A 319 6.55 -15.67 2.52
CA LEU A 319 6.30 -14.85 1.33
C LEU A 319 5.25 -13.80 1.64
N ARG A 320 5.69 -12.72 2.28
CA ARG A 320 4.84 -11.59 2.60
C ARG A 320 5.45 -10.32 2.05
N TYR A 321 4.59 -9.39 1.62
CA TYR A 321 5.07 -8.08 1.17
C TYR A 321 5.79 -7.35 2.29
N ASP A 322 5.15 -7.23 3.45
CA ASP A 322 5.74 -6.51 4.57
C ASP A 322 6.92 -7.30 5.11
N HIS A 323 8.13 -6.74 4.97
CA HIS A 323 9.33 -7.44 5.42
C HIS A 323 9.33 -7.63 6.93
N GLN A 324 8.63 -6.76 7.67
CA GLN A 324 8.54 -6.92 9.11
C GLN A 324 7.60 -8.05 9.51
N SER A 325 6.65 -8.42 8.65
CA SER A 325 5.72 -9.51 8.96
C SER A 325 6.32 -10.87 8.70
N ARG A 326 7.40 -10.96 7.93
CA ARG A 326 8.01 -12.25 7.63
C ARG A 326 8.65 -12.85 8.87
N LEU A 327 8.70 -14.18 8.89
CA LEU A 327 9.39 -14.88 9.98
C LEU A 327 10.88 -14.59 9.91
N THR A 328 11.50 -14.43 11.08
CA THR A 328 12.95 -14.37 11.13
C THR A 328 13.52 -15.78 11.04
N ALA A 329 14.85 -15.85 10.88
CA ALA A 329 15.51 -17.16 10.78
C ALA A 329 15.33 -17.95 12.07
N ARG A 330 15.31 -17.27 13.22
CA ARG A 330 15.15 -17.95 14.50
C ARG A 330 13.71 -18.43 14.67
N GLU A 331 12.74 -17.56 14.36
CA GLU A 331 11.33 -17.94 14.44
C GLU A 331 10.99 -19.09 13.49
N ALA A 332 11.66 -19.13 12.33
CA ALA A 332 11.36 -20.18 11.35
C ALA A 332 11.77 -21.56 11.85
N MET A 333 12.87 -21.64 12.60
CA MET A 333 13.31 -22.94 13.12
C MET A 333 12.31 -23.52 14.12
N GLU A 334 11.60 -22.66 14.85
CA GLU A 334 10.64 -23.13 15.84
C GLU A 334 9.28 -23.48 15.25
N HIS A 335 9.15 -23.41 13.92
CA HIS A 335 7.87 -23.72 13.30
C HIS A 335 7.59 -25.22 13.38
N PRO A 336 6.32 -25.61 13.51
CA PRO A 336 5.99 -27.05 13.51
C PRO A 336 6.43 -27.78 12.27
N TYR A 337 6.76 -27.07 11.17
CA TYR A 337 7.23 -27.72 9.96
C TYR A 337 8.52 -28.48 10.17
N PHE A 338 9.32 -28.11 11.17
CA PHE A 338 10.60 -28.77 11.44
C PHE A 338 10.58 -29.59 12.73
N TYR A 339 9.39 -29.97 13.22
CA TYR A 339 9.33 -30.70 14.48
C TYR A 339 9.98 -32.07 14.37
N THR A 340 9.72 -32.79 13.28
CA THR A 340 10.31 -34.12 13.11
C THR A 340 11.83 -34.05 12.94
N VAL A 341 12.33 -32.99 12.32
CA VAL A 341 13.76 -32.89 12.06
C VAL A 341 14.51 -32.55 13.35
N VAL A 342 13.94 -31.68 14.18
CA VAL A 342 14.63 -31.28 15.41
C VAL A 342 14.65 -32.43 16.40
N LYS A 343 13.57 -33.22 16.47
CA LYS A 343 13.54 -34.36 17.38
C LYS A 343 14.55 -35.43 16.98
N ASP A 344 14.87 -35.51 15.68
CA ASP A 344 15.84 -36.49 15.18
C ASP A 344 17.28 -36.04 15.40
N GLN A 345 17.50 -34.87 15.97
CA GLN A 345 18.85 -34.39 16.25
C GLN A 345 19.28 -34.82 17.65
N MET B 15 21.08 -1.51 -47.39
CA MET B 15 20.33 -0.84 -46.34
C MET B 15 19.72 -1.84 -45.36
N SER B 16 20.20 -1.81 -44.11
CA SER B 16 19.60 -2.65 -43.08
C SER B 16 18.24 -2.10 -42.64
N GLY B 17 18.05 -0.79 -42.74
CA GLY B 17 16.79 -0.14 -42.43
C GLY B 17 16.61 0.11 -40.95
N PRO B 18 15.78 1.11 -40.62
CA PRO B 18 15.53 1.43 -39.22
C PRO B 18 14.65 0.39 -38.54
N VAL B 19 14.79 0.31 -37.22
CA VAL B 19 14.02 -0.64 -36.42
C VAL B 19 12.63 -0.06 -36.18
N PRO B 20 11.56 -0.85 -36.34
CA PRO B 20 10.22 -0.34 -36.08
C PRO B 20 10.03 -0.01 -34.60
N SER B 21 8.93 0.70 -34.32
CA SER B 21 8.62 1.12 -32.96
C SER B 21 7.12 1.24 -32.79
N ARG B 22 6.68 1.11 -31.54
CA ARG B 22 5.28 1.27 -31.17
C ARG B 22 5.19 1.96 -29.81
N ALA B 23 4.05 2.62 -29.58
CA ALA B 23 3.84 3.32 -28.33
C ALA B 23 3.67 2.34 -27.18
N ARG B 24 4.15 2.75 -26.00
CA ARG B 24 4.00 1.92 -24.80
C ARG B 24 2.59 1.98 -24.22
N VAL B 25 1.80 2.99 -24.59
CA VAL B 25 0.46 3.16 -24.05
C VAL B 25 -0.47 3.54 -25.19
N TYR B 26 -1.73 3.09 -25.09
CA TYR B 26 -2.76 3.40 -26.08
C TYR B 26 -2.32 3.00 -27.48
N THR B 27 -1.71 1.81 -27.59
CA THR B 27 -1.11 1.39 -28.85
C THR B 27 -2.17 1.10 -29.91
N ASP B 28 -3.17 0.30 -29.56
CA ASP B 28 -4.16 -0.21 -30.52
C ASP B 28 -5.54 0.39 -30.28
N VAL B 29 -5.60 1.62 -29.77
CA VAL B 29 -6.89 2.25 -29.49
C VAL B 29 -7.64 2.51 -30.80
N ASN B 30 -6.95 3.07 -31.80
CA ASN B 30 -7.61 3.34 -33.07
C ASN B 30 -7.89 2.06 -33.85
N THR B 31 -7.05 1.04 -33.68
CA THR B 31 -7.29 -0.24 -34.34
C THR B 31 -8.56 -0.91 -33.81
N HIS B 32 -8.83 -0.75 -32.51
CA HIS B 32 -10.02 -1.33 -31.92
C HIS B 32 -11.26 -0.48 -32.13
N ARG B 33 -11.11 0.80 -32.47
CA ARG B 33 -12.24 1.64 -32.78
C ARG B 33 -12.86 1.21 -34.10
N PRO B 34 -14.13 1.53 -34.34
CA PRO B 34 -14.69 1.36 -35.68
C PRO B 34 -13.98 2.27 -36.67
N ARG B 35 -13.94 1.85 -37.93
CA ARG B 35 -13.20 2.60 -38.94
C ARG B 35 -13.74 4.03 -39.08
N GLU B 36 -15.04 4.23 -38.82
CA GLU B 36 -15.62 5.56 -38.92
C GLU B 36 -14.96 6.55 -37.96
N TYR B 37 -14.34 6.07 -36.90
CA TYR B 37 -13.75 6.95 -35.90
C TYR B 37 -12.55 7.70 -36.47
N TRP B 38 -11.65 7.00 -37.15
CA TRP B 38 -10.40 7.58 -37.62
C TRP B 38 -10.37 7.82 -39.13
N ASP B 39 -11.47 7.53 -39.84
CA ASP B 39 -11.54 7.77 -41.29
C ASP B 39 -12.14 9.17 -41.51
N TYR B 40 -11.28 10.17 -41.32
CA TYR B 40 -11.71 11.56 -41.47
C TYR B 40 -12.05 11.93 -42.90
N GLU B 41 -11.51 11.20 -43.88
CA GLU B 41 -11.82 11.49 -45.28
C GLU B 41 -13.29 11.22 -45.59
N SER B 42 -13.88 10.20 -44.98
CA SER B 42 -15.28 9.85 -45.19
C SER B 42 -16.22 10.63 -44.28
N HIS B 43 -15.70 11.58 -43.49
CA HIS B 43 -16.52 12.32 -42.55
C HIS B 43 -17.37 13.36 -43.28
N VAL B 44 -18.66 13.39 -42.96
CA VAL B 44 -19.60 14.37 -43.50
C VAL B 44 -19.78 15.47 -42.46
N VAL B 45 -19.62 16.72 -42.89
CA VAL B 45 -19.67 17.86 -41.98
C VAL B 45 -21.11 18.36 -41.85
N GLU B 46 -21.58 18.44 -40.62
CA GLU B 46 -22.88 19.05 -40.33
C GLU B 46 -22.68 20.55 -40.17
N TRP B 47 -23.20 21.32 -41.13
CA TRP B 47 -23.00 22.75 -41.16
C TRP B 47 -24.07 23.47 -40.35
N GLY B 48 -23.65 24.48 -39.60
CA GLY B 48 -24.56 25.34 -38.89
C GLY B 48 -24.95 26.54 -39.72
N ASN B 49 -25.53 27.54 -39.05
CA ASN B 49 -25.96 28.78 -39.68
C ASN B 49 -25.00 29.88 -39.26
N GLN B 50 -24.22 30.38 -40.21
CA GLN B 50 -23.26 31.45 -39.92
C GLN B 50 -23.94 32.73 -39.48
N ASP B 51 -25.24 32.88 -39.78
CA ASP B 51 -25.99 34.07 -39.41
C ASP B 51 -26.32 34.11 -37.92
N ASP B 52 -25.91 33.10 -37.15
CA ASP B 52 -26.08 33.10 -35.70
C ASP B 52 -24.94 33.80 -34.97
N TYR B 53 -23.91 34.25 -35.68
CA TYR B 53 -22.70 34.80 -35.06
C TYR B 53 -22.35 36.13 -35.69
N GLN B 54 -21.89 37.06 -34.86
CA GLN B 54 -21.48 38.40 -35.29
C GLN B 54 -20.05 38.63 -34.86
N LEU B 55 -19.17 38.84 -35.84
CA LEU B 55 -17.76 39.08 -35.52
C LEU B 55 -17.59 40.42 -34.81
N VAL B 56 -16.69 40.44 -33.83
CA VAL B 56 -16.44 41.63 -33.02
C VAL B 56 -15.05 42.19 -33.28
N ARG B 57 -14.00 41.41 -33.01
CA ARG B 57 -12.63 41.88 -33.16
C ARG B 57 -11.73 40.71 -33.54
N LYS B 58 -10.58 41.04 -34.13
CA LYS B 58 -9.59 40.05 -34.53
C LYS B 58 -8.68 39.73 -33.36
N LEU B 59 -8.38 38.44 -33.18
CA LEU B 59 -7.54 37.96 -32.10
C LEU B 59 -6.15 37.54 -32.52
N GLY B 60 -5.98 37.07 -33.76
CA GLY B 60 -4.67 36.62 -34.20
C GLY B 60 -4.68 36.26 -35.66
N ARG B 61 -3.47 36.13 -36.22
CA ARG B 61 -3.25 35.80 -37.62
C ARG B 61 -2.40 34.55 -37.71
N GLY B 62 -2.93 33.52 -38.35
CA GLY B 62 -2.19 32.27 -38.51
C GLY B 62 -1.84 32.00 -39.96
N LYS B 63 -0.87 31.11 -40.18
CA LYS B 63 -0.40 30.82 -41.54
C LYS B 63 -1.37 29.92 -42.31
N TYR B 64 -2.55 29.66 -41.75
CA TYR B 64 -3.60 28.93 -42.45
C TYR B 64 -4.99 29.36 -41.99
N SER B 65 -5.10 30.21 -40.98
CA SER B 65 -6.36 30.50 -40.32
C SER B 65 -6.44 31.98 -39.96
N GLU B 66 -7.66 32.49 -39.87
CA GLU B 66 -7.93 33.85 -39.41
C GLU B 66 -8.85 33.77 -38.20
N VAL B 67 -8.34 34.13 -37.02
CA VAL B 67 -9.05 33.97 -35.76
C VAL B 67 -9.77 35.26 -35.40
N PHE B 68 -11.08 35.17 -35.18
CA PHE B 68 -11.90 36.29 -34.75
C PHE B 68 -12.59 35.96 -33.43
N GLU B 69 -13.04 37.01 -32.75
CA GLU B 69 -13.89 36.89 -31.58
C GLU B 69 -15.30 37.34 -31.95
N ALA B 70 -16.28 36.48 -31.72
CA ALA B 70 -17.64 36.72 -32.18
C ALA B 70 -18.62 36.57 -31.02
N ILE B 71 -19.89 36.80 -31.32
CA ILE B 71 -20.99 36.72 -30.36
C ILE B 71 -22.04 35.77 -30.92
N ASN B 72 -22.35 34.72 -30.17
CA ASN B 72 -23.42 33.80 -30.56
C ASN B 72 -24.75 34.52 -30.37
N ILE B 73 -25.32 35.02 -31.47
CA ILE B 73 -26.52 35.84 -31.39
C ILE B 73 -27.76 35.06 -30.96
N THR B 74 -27.68 33.73 -30.89
CA THR B 74 -28.83 32.94 -30.44
C THR B 74 -29.06 33.11 -28.94
N ASN B 75 -27.98 32.99 -28.14
CA ASN B 75 -28.11 33.08 -26.69
C ASN B 75 -27.18 34.14 -26.07
N ASN B 76 -26.59 35.02 -26.88
CA ASN B 76 -25.73 36.10 -26.40
C ASN B 76 -24.54 35.55 -25.59
N GLU B 77 -23.89 34.54 -26.14
CA GLU B 77 -22.70 33.95 -25.54
C GLU B 77 -21.49 34.26 -26.42
N LYS B 78 -20.37 34.57 -25.78
CA LYS B 78 -19.16 34.86 -26.53
C LYS B 78 -18.56 33.56 -27.09
N VAL B 79 -18.00 33.66 -28.31
CA VAL B 79 -17.37 32.55 -28.98
C VAL B 79 -16.12 33.05 -29.69
N VAL B 80 -15.32 32.11 -30.17
CA VAL B 80 -14.13 32.41 -30.97
C VAL B 80 -14.28 31.69 -32.30
N VAL B 81 -14.19 32.44 -33.39
CA VAL B 81 -14.36 31.93 -34.74
C VAL B 81 -13.02 31.96 -35.44
N LYS B 82 -12.62 30.82 -36.01
CA LYS B 82 -11.36 30.69 -36.73
C LYS B 82 -11.71 30.50 -38.20
N ILE B 83 -11.44 31.51 -39.02
CA ILE B 83 -11.70 31.44 -40.45
C ILE B 83 -10.57 30.65 -41.11
N LEU B 84 -10.90 29.48 -41.63
CA LEU B 84 -9.91 28.65 -42.31
C LEU B 84 -9.73 29.13 -43.74
N LYS B 85 -8.51 29.05 -44.22
CA LYS B 85 -8.22 29.48 -45.57
C LYS B 85 -8.10 28.27 -46.48
N PRO B 86 -8.22 28.43 -47.79
CA PRO B 86 -8.22 27.26 -48.68
C PRO B 86 -6.96 26.43 -48.53
N VAL B 87 -7.16 25.15 -48.22
CA VAL B 87 -6.10 24.15 -48.09
C VAL B 87 -6.65 22.87 -48.69
N LYS B 88 -6.08 21.73 -48.32
CA LYS B 88 -6.57 20.45 -48.82
C LYS B 88 -7.76 19.99 -47.99
N LYS B 89 -8.78 19.46 -48.68
CA LYS B 89 -9.93 18.90 -47.98
C LYS B 89 -9.52 17.76 -47.05
N LYS B 90 -8.47 17.02 -47.42
CA LYS B 90 -7.96 15.97 -46.55
C LYS B 90 -7.54 16.53 -45.19
N LYS B 91 -6.90 17.70 -45.19
CA LYS B 91 -6.40 18.29 -43.96
C LYS B 91 -7.51 18.97 -43.16
N ILE B 92 -8.53 19.51 -43.82
CA ILE B 92 -9.59 20.20 -43.11
C ILE B 92 -10.54 19.22 -42.43
N LYS B 93 -10.79 18.06 -43.06
CA LYS B 93 -11.64 17.06 -42.43
C LYS B 93 -10.96 16.41 -41.24
N ARG B 94 -9.63 16.34 -41.25
CA ARG B 94 -8.91 15.70 -40.16
C ARG B 94 -9.05 16.49 -38.87
N GLU B 95 -8.88 17.82 -38.94
CA GLU B 95 -9.02 18.63 -37.73
C GLU B 95 -10.46 18.64 -37.22
N ILE B 96 -11.43 18.61 -38.13
CA ILE B 96 -12.83 18.60 -37.71
C ILE B 96 -13.18 17.30 -37.01
N LYS B 97 -12.75 16.17 -37.58
CA LYS B 97 -13.03 14.88 -36.96
C LYS B 97 -12.33 14.73 -35.62
N ILE B 98 -11.10 15.24 -35.51
CA ILE B 98 -10.36 15.17 -34.26
C ILE B 98 -11.02 16.02 -33.19
N LEU B 99 -11.47 17.22 -33.57
CA LEU B 99 -12.14 18.09 -32.61
C LEU B 99 -13.46 17.52 -32.13
N GLU B 100 -14.16 16.78 -32.99
CA GLU B 100 -15.45 16.21 -32.61
C GLU B 100 -15.27 14.97 -31.73
N ASN B 101 -14.27 14.15 -32.03
CA ASN B 101 -14.01 12.98 -31.20
C ASN B 101 -13.54 13.37 -29.80
N LEU B 102 -12.86 14.51 -29.67
CA LEU B 102 -12.33 14.97 -28.40
C LEU B 102 -13.27 15.95 -27.69
N ARG B 103 -14.42 16.27 -28.29
CA ARG B 103 -15.33 17.24 -27.70
C ARG B 103 -15.84 16.74 -26.36
N GLY B 104 -15.60 17.52 -25.31
CA GLY B 104 -15.99 17.15 -23.97
C GLY B 104 -14.85 16.64 -23.10
N GLY B 105 -13.64 16.54 -23.65
CA GLY B 105 -12.50 16.10 -22.88
C GLY B 105 -11.99 17.17 -21.93
N PRO B 106 -11.18 16.77 -20.95
CA PRO B 106 -10.68 17.74 -19.97
C PRO B 106 -9.67 18.70 -20.61
N ASN B 107 -9.92 19.99 -20.44
CA ASN B 107 -9.04 21.07 -20.90
C ASN B 107 -8.86 21.06 -22.42
N ILE B 108 -9.77 20.41 -23.14
CA ILE B 108 -9.77 20.42 -24.60
C ILE B 108 -10.74 21.49 -25.06
N ILE B 109 -10.33 22.29 -26.05
CA ILE B 109 -11.22 23.31 -26.59
C ILE B 109 -12.43 22.64 -27.21
N THR B 110 -13.61 23.22 -26.98
CA THR B 110 -14.87 22.62 -27.41
C THR B 110 -15.33 23.28 -28.69
N LEU B 111 -15.48 22.49 -29.75
CA LEU B 111 -15.98 22.99 -31.02
C LEU B 111 -17.49 23.16 -30.90
N ALA B 112 -17.96 24.40 -30.99
CA ALA B 112 -19.38 24.68 -30.80
C ALA B 112 -20.17 24.51 -32.09
N ASP B 113 -19.61 24.91 -33.22
CA ASP B 113 -20.33 24.87 -34.48
C ASP B 113 -19.33 24.96 -35.63
N ILE B 114 -19.78 24.56 -36.80
CA ILE B 114 -19.00 24.64 -38.03
C ILE B 114 -19.85 25.34 -39.07
N VAL B 115 -19.40 26.51 -39.52
CA VAL B 115 -20.16 27.35 -40.43
C VAL B 115 -19.31 27.63 -41.67
N LYS B 116 -19.94 28.29 -42.64
CA LYS B 116 -19.28 28.66 -43.88
C LYS B 116 -19.24 30.17 -43.99
N ASP B 117 -18.12 30.69 -44.51
CA ASP B 117 -18.00 32.11 -44.78
C ASP B 117 -19.03 32.49 -45.83
N PRO B 118 -19.91 33.45 -45.56
CA PRO B 118 -20.99 33.75 -46.52
C PRO B 118 -20.50 34.20 -47.89
N VAL B 119 -19.28 34.73 -48.00
CA VAL B 119 -18.79 35.24 -49.28
C VAL B 119 -18.00 34.16 -50.01
N SER B 120 -16.92 33.70 -49.41
CA SER B 120 -16.01 32.76 -50.06
C SER B 120 -16.40 31.29 -49.84
N ARG B 121 -17.44 31.02 -49.05
CA ARG B 121 -17.88 29.65 -48.77
C ARG B 121 -16.76 28.82 -48.15
N THR B 122 -15.82 29.47 -47.47
CA THR B 122 -14.71 28.82 -46.78
C THR B 122 -15.14 28.42 -45.38
N PRO B 123 -14.83 27.21 -44.93
CA PRO B 123 -15.29 26.76 -43.61
C PRO B 123 -14.67 27.58 -42.48
N ALA B 124 -15.37 27.56 -41.35
CA ALA B 124 -14.97 28.31 -40.16
C ALA B 124 -15.41 27.55 -38.92
N LEU B 125 -14.49 27.40 -37.97
CA LEU B 125 -14.75 26.69 -36.73
C LEU B 125 -15.15 27.67 -35.62
N VAL B 126 -16.14 27.28 -34.83
CA VAL B 126 -16.64 28.10 -33.73
C VAL B 126 -16.34 27.37 -32.43
N PHE B 127 -15.57 28.02 -31.55
CA PHE B 127 -15.18 27.46 -30.27
C PHE B 127 -15.83 28.23 -29.12
N GLU B 128 -15.85 27.60 -27.96
CA GLU B 128 -16.23 28.31 -26.74
C GLU B 128 -15.24 29.43 -26.45
N HIS B 129 -15.75 30.52 -25.89
CA HIS B 129 -14.91 31.69 -25.67
C HIS B 129 -13.85 31.43 -24.61
N VAL B 130 -12.64 31.91 -24.89
CA VAL B 130 -11.53 31.88 -23.95
C VAL B 130 -10.87 33.26 -24.02
N ASN B 131 -10.46 33.78 -22.87
CA ASN B 131 -9.77 35.07 -22.83
C ASN B 131 -8.52 35.00 -23.69
N ASN B 132 -8.43 35.90 -24.68
CA ASN B 132 -7.37 35.86 -25.67
C ASN B 132 -6.00 36.21 -25.07
N THR B 133 -5.64 35.51 -24.00
CA THR B 133 -4.34 35.65 -23.36
C THR B 133 -3.66 34.28 -23.43
N ASP B 134 -2.77 34.10 -24.39
CA ASP B 134 -2.09 32.83 -24.52
C ASP B 134 -1.14 32.59 -23.34
N PHE B 135 -0.67 31.36 -23.23
CA PHE B 135 0.27 31.00 -22.19
C PHE B 135 1.61 31.71 -22.33
N LYS B 136 1.94 32.23 -23.52
CA LYS B 136 3.27 32.78 -23.74
C LYS B 136 3.47 34.13 -23.04
N GLN B 137 2.43 34.96 -22.97
CA GLN B 137 2.54 36.22 -22.24
C GLN B 137 2.31 36.06 -20.74
N LEU B 138 2.28 34.84 -20.22
CA LEU B 138 2.03 34.63 -18.79
C LEU B 138 2.96 33.59 -18.18
N TYR B 139 3.48 32.67 -19.00
CA TYR B 139 4.24 31.57 -18.41
C TYR B 139 5.62 31.99 -17.94
N GLN B 140 6.07 33.19 -18.29
CA GLN B 140 7.32 33.75 -17.77
C GLN B 140 7.10 34.59 -16.52
N THR B 141 5.89 34.60 -15.97
CA THR B 141 5.59 35.43 -14.80
C THR B 141 4.80 34.67 -13.73
N LEU B 142 4.84 33.34 -13.75
CA LEU B 142 4.03 32.54 -12.83
C LEU B 142 4.82 32.15 -11.59
N THR B 143 4.10 31.68 -10.57
CA THR B 143 4.70 31.21 -9.34
C THR B 143 4.98 29.71 -9.45
N ASP B 144 5.59 29.16 -8.40
CA ASP B 144 5.87 27.72 -8.38
C ASP B 144 4.60 26.89 -8.44
N TYR B 145 3.60 27.26 -7.65
CA TYR B 145 2.35 26.49 -7.64
C TYR B 145 1.61 26.65 -8.95
N ASP B 146 1.68 27.84 -9.57
CA ASP B 146 1.00 28.05 -10.84
C ASP B 146 1.59 27.16 -11.93
N ILE B 147 2.92 27.02 -11.95
CA ILE B 147 3.56 26.15 -12.93
C ILE B 147 3.11 24.70 -12.74
N ARG B 148 3.14 24.23 -11.49
CA ARG B 148 2.71 22.86 -11.20
C ARG B 148 1.24 22.65 -11.53
N PHE B 149 0.41 23.67 -11.27
CA PHE B 149 -1.03 23.53 -11.51
C PHE B 149 -1.35 23.40 -13.00
N TYR B 150 -0.85 24.33 -13.82
CA TYR B 150 -1.18 24.29 -15.25
C TYR B 150 -0.45 23.18 -16.00
N MET B 151 0.77 22.83 -15.58
CA MET B 151 1.41 21.64 -16.14
C MET B 151 0.55 20.40 -15.91
N TYR B 152 -0.06 20.31 -14.73
CA TYR B 152 -0.97 19.21 -14.45
C TYR B 152 -2.24 19.32 -15.29
N GLU B 153 -2.70 20.54 -15.55
CA GLU B 153 -3.88 20.73 -16.37
C GLU B 153 -3.60 20.39 -17.84
N ILE B 154 -2.41 20.75 -18.34
CA ILE B 154 -2.03 20.38 -19.69
C ILE B 154 -1.88 18.88 -19.81
N LEU B 155 -1.38 18.23 -18.75
CA LEU B 155 -1.24 16.77 -18.77
C LEU B 155 -2.58 16.07 -18.86
N LYS B 156 -3.63 16.63 -18.24
CA LYS B 156 -4.96 16.04 -18.33
C LYS B 156 -5.43 16.03 -19.78
N ALA B 157 -5.19 17.12 -20.51
CA ALA B 157 -5.61 17.19 -21.90
C ALA B 157 -4.80 16.23 -22.78
N LEU B 158 -3.50 16.12 -22.53
CA LEU B 158 -2.67 15.22 -23.33
C LEU B 158 -3.03 13.76 -23.08
N ASP B 159 -3.24 13.39 -21.82
CA ASP B 159 -3.58 12.00 -21.52
C ASP B 159 -4.93 11.59 -22.11
N TYR B 160 -5.86 12.54 -22.22
CA TYR B 160 -7.17 12.22 -22.80
C TYR B 160 -7.05 11.98 -24.29
N CYS B 161 -6.45 12.94 -25.02
CA CYS B 161 -6.37 12.80 -26.48
C CYS B 161 -5.47 11.63 -26.88
N HIS B 162 -4.46 11.31 -26.06
CA HIS B 162 -3.67 10.12 -26.31
C HIS B 162 -4.50 8.85 -26.15
N SER B 163 -5.34 8.81 -25.11
CA SER B 163 -6.23 7.66 -24.93
C SER B 163 -7.27 7.56 -26.03
N MET B 164 -7.55 8.66 -26.72
CA MET B 164 -8.46 8.66 -27.87
C MET B 164 -7.74 8.41 -29.18
N GLY B 165 -6.46 8.05 -29.14
CA GLY B 165 -5.72 7.74 -30.35
C GLY B 165 -5.28 8.94 -31.16
N ILE B 166 -5.11 10.09 -30.53
CA ILE B 166 -4.79 11.33 -31.23
C ILE B 166 -3.58 11.98 -30.56
N MET B 167 -2.61 12.37 -31.37
CA MET B 167 -1.44 13.10 -30.90
C MET B 167 -1.48 14.53 -31.45
N HIS B 168 -1.20 15.49 -30.58
CA HIS B 168 -1.35 16.90 -30.95
C HIS B 168 -0.29 17.34 -31.94
N ARG B 169 0.97 16.97 -31.69
CA ARG B 169 2.10 17.26 -32.58
C ARG B 169 2.38 18.75 -32.72
N ASP B 170 1.91 19.57 -31.78
CA ASP B 170 2.20 21.01 -31.83
C ASP B 170 2.00 21.64 -30.46
N VAL B 171 2.46 20.97 -29.40
CA VAL B 171 2.33 21.50 -28.06
C VAL B 171 3.36 22.62 -27.87
N LYS B 172 2.87 23.82 -27.59
CA LYS B 172 3.72 24.98 -27.36
C LYS B 172 2.89 26.06 -26.66
N PRO B 173 3.53 27.03 -26.02
CA PRO B 173 2.76 28.04 -25.27
C PRO B 173 1.75 28.81 -26.12
N HIS B 174 2.05 29.04 -27.40
CA HIS B 174 1.10 29.75 -28.24
C HIS B 174 -0.19 28.97 -28.47
N ASN B 175 -0.15 27.65 -28.29
CA ASN B 175 -1.32 26.79 -28.49
C ASN B 175 -1.98 26.41 -27.16
N VAL B 176 -1.77 27.19 -26.11
CA VAL B 176 -2.37 26.93 -24.82
C VAL B 176 -3.08 28.21 -24.39
N MET B 177 -4.41 28.21 -24.48
CA MET B 177 -5.20 29.36 -24.04
C MET B 177 -5.42 29.30 -22.55
N ILE B 178 -5.29 30.44 -21.89
CA ILE B 178 -5.31 30.44 -20.43
C ILE B 178 -6.19 31.57 -19.93
N ASP B 179 -6.96 31.29 -18.88
CA ASP B 179 -7.73 32.30 -18.15
C ASP B 179 -7.24 32.29 -16.71
N HIS B 180 -6.23 33.12 -16.43
CA HIS B 180 -5.58 33.10 -15.11
C HIS B 180 -6.54 33.56 -14.01
N GLU B 181 -7.50 34.42 -14.35
CA GLU B 181 -8.43 34.94 -13.34
C GLU B 181 -9.26 33.82 -12.75
N HIS B 182 -9.81 32.96 -13.60
CA HIS B 182 -10.59 31.80 -13.17
C HIS B 182 -9.77 30.51 -13.15
N ARG B 183 -8.47 30.60 -13.46
CA ARG B 183 -7.56 29.43 -13.43
C ARG B 183 -8.06 28.35 -14.39
N LYS B 184 -8.46 28.77 -15.58
CA LYS B 184 -8.96 27.88 -16.62
C LYS B 184 -7.92 27.72 -17.72
N LEU B 185 -7.87 26.53 -18.32
CA LEU B 185 -6.88 26.21 -19.33
C LEU B 185 -7.51 25.38 -20.45
N ARG B 186 -7.15 25.71 -21.69
CA ARG B 186 -7.67 24.99 -22.86
C ARG B 186 -6.54 24.75 -23.85
N LEU B 187 -6.43 23.52 -24.34
CA LEU B 187 -5.46 23.17 -25.37
C LEU B 187 -6.09 23.37 -26.74
N ILE B 188 -5.50 24.23 -27.55
CA ILE B 188 -6.11 24.65 -28.82
C ILE B 188 -5.21 24.29 -29.99
N ASP B 189 -5.63 24.71 -31.19
CA ASP B 189 -4.89 24.52 -32.44
C ASP B 189 -4.61 23.04 -32.69
N TRP B 190 -5.59 22.32 -33.24
CA TRP B 190 -5.44 20.91 -33.59
C TRP B 190 -5.27 20.72 -35.09
N GLY B 191 -4.71 21.71 -35.79
CA GLY B 191 -4.51 21.59 -37.22
C GLY B 191 -3.43 20.60 -37.61
N LEU B 192 -2.47 20.34 -36.72
CA LEU B 192 -1.40 19.38 -36.97
C LEU B 192 -1.66 18.04 -36.31
N ALA B 193 -2.76 17.90 -35.57
CA ALA B 193 -3.05 16.64 -34.88
C ALA B 193 -3.29 15.52 -35.88
N GLU B 194 -3.03 14.29 -35.44
CA GLU B 194 -3.11 13.13 -36.31
C GLU B 194 -3.43 11.89 -35.48
N PHE B 195 -4.21 10.99 -36.07
CA PHE B 195 -4.50 9.72 -35.43
C PHE B 195 -3.28 8.83 -35.43
N TYR B 196 -3.05 8.12 -34.33
CA TYR B 196 -1.92 7.20 -34.21
C TYR B 196 -2.35 5.80 -34.61
N HIS B 197 -1.65 5.21 -35.57
CA HIS B 197 -1.84 3.83 -35.96
C HIS B 197 -0.48 3.13 -35.89
N PRO B 198 -0.39 1.95 -35.29
CA PRO B 198 0.91 1.28 -35.15
C PRO B 198 1.52 0.94 -36.50
N GLY B 199 2.81 1.20 -36.62
CA GLY B 199 3.54 0.93 -37.84
C GLY B 199 3.49 2.02 -38.89
N GLN B 200 2.65 3.04 -38.69
CA GLN B 200 2.56 4.12 -39.66
C GLN B 200 3.79 5.03 -39.57
N GLU B 201 4.24 5.52 -40.73
CA GLU B 201 5.36 6.44 -40.82
C GLU B 201 4.81 7.84 -41.11
N TYR B 202 4.95 8.74 -40.14
CA TYR B 202 4.35 10.06 -40.21
C TYR B 202 5.35 11.10 -40.71
N ASN B 203 4.81 12.27 -41.06
CA ASN B 203 5.64 13.38 -41.52
C ASN B 203 6.40 13.99 -40.35
N VAL B 204 7.73 14.11 -40.50
CA VAL B 204 8.57 14.67 -39.45
C VAL B 204 8.59 16.19 -39.45
N ARG B 205 7.97 16.84 -40.43
CA ARG B 205 7.97 18.30 -40.52
C ARG B 205 6.75 18.87 -39.79
N VAL B 206 6.69 18.59 -38.50
CA VAL B 206 5.60 19.05 -37.64
C VAL B 206 6.18 19.77 -36.44
N ALA B 207 5.31 20.47 -35.72
CA ALA B 207 5.64 21.24 -34.51
C ALA B 207 6.61 22.36 -34.81
N SER B 208 6.88 23.20 -33.81
CA SER B 208 7.80 24.30 -33.99
C SER B 208 9.24 23.83 -33.76
N ARG B 209 10.18 24.58 -34.33
CA ARG B 209 11.59 24.19 -34.27
C ARG B 209 12.07 24.04 -32.83
N TYR B 210 11.75 25.02 -31.99
CA TYR B 210 12.17 24.99 -30.60
C TYR B 210 11.48 23.91 -29.78
N PHE B 211 10.52 23.19 -30.37
CA PHE B 211 9.80 22.13 -29.67
C PHE B 211 9.81 20.81 -30.44
N LYS B 212 10.58 20.73 -31.53
CA LYS B 212 10.72 19.47 -32.26
C LYS B 212 11.47 18.45 -31.42
N GLY B 213 10.93 17.24 -31.35
CA GLY B 213 11.60 16.16 -30.67
C GLY B 213 12.80 15.68 -31.46
N PRO B 214 13.70 14.94 -30.80
CA PRO B 214 14.86 14.40 -31.52
C PRO B 214 14.49 13.47 -32.65
N GLU B 215 13.36 12.76 -32.56
CA GLU B 215 12.96 11.85 -33.63
C GLU B 215 12.59 12.62 -34.90
N LEU B 216 12.11 13.86 -34.76
CA LEU B 216 11.82 14.67 -35.95
C LEU B 216 13.09 15.25 -36.55
N LEU B 217 14.10 15.56 -35.73
CA LEU B 217 15.32 16.16 -36.25
C LEU B 217 16.19 15.14 -36.98
N VAL B 218 16.17 13.88 -36.55
CA VAL B 218 16.91 12.82 -37.22
C VAL B 218 16.03 12.06 -38.22
N ASP B 219 14.79 12.51 -38.42
CA ASP B 219 13.87 11.94 -39.41
C ASP B 219 13.55 10.47 -39.10
N TYR B 220 13.03 10.26 -37.88
CA TYR B 220 12.45 8.97 -37.52
C TYR B 220 10.94 9.11 -37.60
N GLN B 221 10.36 8.49 -38.63
CA GLN B 221 8.96 8.76 -38.98
C GLN B 221 7.97 7.93 -38.17
N MET B 222 8.42 6.87 -37.50
CA MET B 222 7.52 5.98 -36.78
C MET B 222 7.46 6.35 -35.30
N TYR B 223 7.06 7.59 -35.05
CA TYR B 223 6.91 8.10 -33.69
C TYR B 223 5.47 7.94 -33.24
N ASP B 224 5.18 8.45 -32.03
CA ASP B 224 3.85 8.30 -31.45
C ASP B 224 3.51 9.45 -30.50
N TYR B 225 2.72 9.15 -29.46
CA TYR B 225 2.26 10.20 -28.56
C TYR B 225 3.40 10.83 -27.79
N SER B 226 4.50 10.10 -27.58
CA SER B 226 5.61 10.60 -26.79
C SER B 226 6.25 11.85 -27.38
N LEU B 227 5.93 12.20 -28.63
CA LEU B 227 6.39 13.46 -29.19
C LEU B 227 5.84 14.64 -28.41
N ASP B 228 4.58 14.55 -27.97
CA ASP B 228 3.98 15.62 -27.18
C ASP B 228 4.65 15.77 -25.83
N MET B 229 5.22 14.68 -25.30
CA MET B 229 5.87 14.75 -23.99
C MET B 229 7.21 15.47 -24.07
N TRP B 230 7.90 15.40 -25.21
CA TRP B 230 9.12 16.19 -25.38
C TRP B 230 8.79 17.67 -25.46
N SER B 231 7.79 18.02 -26.27
CA SER B 231 7.40 19.43 -26.39
C SER B 231 6.94 19.98 -25.04
N LEU B 232 6.27 19.15 -24.24
CA LEU B 232 5.85 19.58 -22.91
C LEU B 232 7.07 19.79 -22.01
N GLY B 233 8.09 18.93 -22.15
CA GLY B 233 9.31 19.12 -21.38
C GLY B 233 10.04 20.40 -21.73
N CYS B 234 9.98 20.82 -22.99
CA CYS B 234 10.58 22.08 -23.39
C CYS B 234 9.85 23.26 -22.77
N MET B 235 8.53 23.16 -22.59
CA MET B 235 7.79 24.23 -21.94
C MET B 235 8.14 24.30 -20.45
N LEU B 236 8.30 23.15 -19.80
CA LEU B 236 8.65 23.15 -18.38
C LEU B 236 10.03 23.73 -18.14
N ALA B 237 11.00 23.36 -18.98
CA ALA B 237 12.35 23.92 -18.84
C ALA B 237 12.34 25.42 -19.10
N SER B 238 11.50 25.89 -20.03
CA SER B 238 11.43 27.31 -20.32
C SER B 238 10.82 28.12 -19.17
N MET B 239 10.02 27.49 -18.31
CA MET B 239 9.34 28.20 -17.24
C MET B 239 10.15 28.21 -15.95
N ILE B 240 10.58 27.04 -15.48
CA ILE B 240 11.30 26.96 -14.21
C ILE B 240 12.69 27.58 -14.31
N PHE B 241 13.23 27.74 -15.51
CA PHE B 241 14.55 28.35 -15.69
C PHE B 241 14.49 29.77 -16.22
N ARG B 242 13.31 30.26 -16.61
N ARG B 242 13.31 30.26 -16.61
CA ARG B 242 13.14 31.62 -17.15
CA ARG B 242 13.15 31.62 -17.14
C ARG B 242 14.04 31.84 -18.36
C ARG B 242 14.03 31.85 -18.37
N LYS B 243 14.05 30.87 -19.27
CA LYS B 243 14.83 30.94 -20.50
C LYS B 243 13.91 30.62 -21.67
N GLU B 244 13.66 31.60 -22.52
CA GLU B 244 12.70 31.49 -23.61
C GLU B 244 13.38 31.70 -24.95
N PRO B 245 13.52 30.67 -25.79
CA PRO B 245 13.19 29.26 -25.55
C PRO B 245 14.35 28.54 -24.88
N PHE B 246 14.16 27.31 -24.38
CA PHE B 246 15.28 26.62 -23.73
C PHE B 246 16.30 26.13 -24.76
N PHE B 247 15.84 25.58 -25.88
CA PHE B 247 16.71 25.16 -26.97
C PHE B 247 16.50 26.14 -28.12
N HIS B 248 17.45 27.06 -28.29
CA HIS B 248 17.32 28.17 -29.23
C HIS B 248 18.34 27.97 -30.36
N GLY B 249 18.02 27.05 -31.28
CA GLY B 249 18.86 26.83 -32.44
C GLY B 249 18.40 27.65 -33.63
N HIS B 250 19.34 27.98 -34.52
CA HIS B 250 19.02 28.81 -35.66
C HIS B 250 18.49 28.02 -36.85
N ASP B 251 18.48 26.69 -36.79
CA ASP B 251 17.83 25.86 -37.80
C ASP B 251 17.62 24.46 -37.21
N ASN B 252 17.14 23.54 -38.03
CA ASN B 252 16.85 22.19 -37.56
C ASN B 252 18.13 21.44 -37.21
N TYR B 253 19.20 21.64 -37.99
CA TYR B 253 20.46 20.96 -37.72
C TYR B 253 21.09 21.50 -36.44
N ASP B 254 21.14 22.82 -36.28
CA ASP B 254 21.70 23.41 -35.06
C ASP B 254 20.82 23.11 -33.85
N GLN B 255 19.52 22.88 -34.06
CA GLN B 255 18.63 22.57 -32.95
C GLN B 255 19.06 21.30 -32.23
N LEU B 256 19.44 20.27 -32.98
CA LEU B 256 19.90 19.04 -32.35
C LEU B 256 21.23 19.24 -31.62
N VAL B 257 22.06 20.16 -32.11
CA VAL B 257 23.33 20.45 -31.44
C VAL B 257 23.09 21.10 -30.08
N ARG B 258 22.14 22.04 -30.02
CA ARG B 258 21.83 22.69 -28.75
C ARG B 258 21.28 21.71 -27.73
N ILE B 259 20.55 20.69 -28.19
CA ILE B 259 20.05 19.66 -27.29
C ILE B 259 21.20 18.79 -26.79
N ALA B 260 22.14 18.44 -27.67
CA ALA B 260 23.25 17.59 -27.27
C ALA B 260 24.19 18.30 -26.31
N LYS B 261 24.28 19.64 -26.40
CA LYS B 261 25.12 20.39 -25.46
C LYS B 261 24.59 20.32 -24.03
N VAL B 262 23.33 19.94 -23.84
CA VAL B 262 22.72 19.83 -22.52
C VAL B 262 22.51 18.38 -22.13
N LEU B 263 21.93 17.58 -23.01
CA LEU B 263 21.64 16.18 -22.71
C LEU B 263 22.83 15.26 -22.90
N GLY B 264 23.85 15.70 -23.62
CA GLY B 264 25.00 14.83 -23.88
C GLY B 264 24.79 13.97 -25.10
N THR B 265 25.90 13.68 -25.79
CA THR B 265 25.84 12.90 -27.02
C THR B 265 25.86 11.40 -26.77
N GLU B 266 26.24 10.97 -25.56
CA GLU B 266 26.31 9.53 -25.27
C GLU B 266 24.94 8.88 -25.43
N ASP B 267 23.90 9.46 -24.82
CA ASP B 267 22.56 8.92 -24.97
C ASP B 267 21.99 9.17 -26.37
N LEU B 268 22.54 10.14 -27.10
CA LEU B 268 22.09 10.38 -28.47
C LEU B 268 22.54 9.25 -29.39
N TYR B 269 23.82 8.87 -29.32
CA TYR B 269 24.33 7.82 -30.19
C TYR B 269 23.78 6.45 -29.81
N ASP B 270 23.43 6.25 -28.52
CA ASP B 270 22.77 5.02 -28.13
C ASP B 270 21.36 4.95 -28.69
N TYR B 271 20.66 6.08 -28.71
CA TYR B 271 19.32 6.14 -29.31
C TYR B 271 19.39 5.86 -30.80
N ILE B 272 20.45 6.35 -31.47
CA ILE B 272 20.59 6.14 -32.90
C ILE B 272 20.95 4.69 -33.21
N ASP B 273 21.90 4.13 -32.47
CA ASP B 273 22.30 2.74 -32.70
C ASP B 273 21.21 1.76 -32.31
N LYS B 274 20.35 2.13 -31.35
CA LYS B 274 19.27 1.23 -30.94
C LYS B 274 18.27 1.02 -32.07
N TYR B 275 17.78 2.11 -32.66
CA TYR B 275 16.81 2.03 -33.75
C TYR B 275 17.46 1.97 -35.12
N ASN B 276 18.80 1.85 -35.18
CA ASN B 276 19.54 1.74 -36.43
C ASN B 276 19.23 2.91 -37.36
N ILE B 277 19.25 4.12 -36.79
CA ILE B 277 18.93 5.32 -37.55
C ILE B 277 20.13 5.72 -38.39
N GLU B 278 19.89 5.95 -39.67
CA GLU B 278 20.93 6.42 -40.59
C GLU B 278 20.97 7.95 -40.50
N LEU B 279 21.93 8.46 -39.73
CA LEU B 279 22.02 9.89 -39.49
C LEU B 279 22.37 10.64 -40.77
N ASP B 280 21.82 11.86 -40.88
CA ASP B 280 22.12 12.70 -42.02
C ASP B 280 23.62 12.99 -42.05
N PRO B 281 24.28 12.84 -43.20
CA PRO B 281 25.75 13.06 -43.23
C PRO B 281 26.18 14.45 -42.84
N ARG B 282 25.29 15.45 -42.87
CA ARG B 282 25.66 16.78 -42.43
C ARG B 282 25.74 16.90 -40.91
N PHE B 283 25.05 16.02 -40.16
CA PHE B 283 25.14 16.05 -38.72
C PHE B 283 26.50 15.59 -38.22
N ASN B 284 27.17 14.71 -38.96
CA ASN B 284 28.43 14.13 -38.49
C ASN B 284 29.51 15.18 -38.30
N ASP B 285 29.49 16.24 -39.12
CA ASP B 285 30.53 17.27 -39.04
C ASP B 285 30.28 18.29 -37.94
N ILE B 286 29.09 18.33 -37.34
CA ILE B 286 28.74 19.31 -36.34
C ILE B 286 28.35 18.70 -35.01
N LEU B 287 28.31 17.37 -34.90
CA LEU B 287 27.87 16.73 -33.68
C LEU B 287 29.05 16.54 -32.73
N GLY B 288 29.91 15.57 -33.02
CA GLY B 288 31.07 15.35 -32.17
C GLY B 288 30.67 14.70 -30.85
N ARG B 289 31.37 15.08 -29.78
CA ARG B 289 31.14 14.55 -28.45
C ARG B 289 30.84 15.68 -27.49
N HIS B 290 29.77 15.52 -26.71
CA HIS B 290 29.40 16.46 -25.67
C HIS B 290 28.99 15.69 -24.43
N SER B 291 29.54 16.07 -23.28
CA SER B 291 29.13 15.47 -22.02
C SER B 291 27.78 16.04 -21.58
N ARG B 292 27.07 15.26 -20.78
CA ARG B 292 25.77 15.69 -20.28
C ARG B 292 25.94 16.78 -19.24
N LYS B 293 25.24 17.90 -19.42
CA LYS B 293 25.26 19.00 -18.48
C LYS B 293 24.15 18.82 -17.46
N ARG B 294 24.51 18.88 -16.18
CA ARG B 294 23.53 18.69 -15.12
C ARG B 294 22.57 19.88 -15.04
N TRP B 295 21.34 19.60 -14.62
CA TRP B 295 20.29 20.60 -14.59
C TRP B 295 20.55 21.71 -13.58
N GLU B 296 21.40 21.47 -12.59
CA GLU B 296 21.70 22.50 -11.59
C GLU B 296 22.43 23.71 -12.17
N ARG B 297 23.12 23.54 -13.30
CA ARG B 297 23.85 24.68 -13.87
C ARG B 297 22.94 25.72 -14.49
N PHE B 298 21.65 25.42 -14.68
CA PHE B 298 20.70 26.38 -15.23
C PHE B 298 19.98 27.17 -14.15
N VAL B 299 20.35 26.99 -12.89
CA VAL B 299 19.70 27.66 -11.77
C VAL B 299 20.53 28.88 -11.39
N HIS B 300 19.92 30.06 -11.47
CA HIS B 300 20.52 31.30 -11.02
C HIS B 300 19.61 31.94 -9.98
N SER B 301 19.94 33.17 -9.60
CA SER B 301 19.22 33.84 -8.52
C SER B 301 17.80 34.26 -8.93
N GLU B 302 17.51 34.30 -10.22
CA GLU B 302 16.20 34.75 -10.68
C GLU B 302 15.20 33.61 -10.91
N ASN B 303 15.63 32.35 -10.84
CA ASN B 303 14.73 31.23 -11.07
C ASN B 303 14.81 30.15 -10.00
N GLN B 304 15.53 30.40 -8.91
CA GLN B 304 15.72 29.35 -7.90
C GLN B 304 14.41 29.00 -7.19
N HIS B 305 13.49 29.95 -7.08
CA HIS B 305 12.23 29.68 -6.38
C HIS B 305 11.30 28.80 -7.19
N LEU B 306 11.51 28.70 -8.49
CA LEU B 306 10.72 27.83 -9.34
C LEU B 306 11.33 26.44 -9.50
N VAL B 307 12.59 26.26 -9.11
CA VAL B 307 13.30 24.99 -9.28
C VAL B 307 13.35 24.25 -7.95
N SER B 308 13.09 22.96 -8.01
CA SER B 308 13.14 22.07 -6.86
C SER B 308 13.75 20.74 -7.29
N PRO B 309 14.24 19.93 -6.36
CA PRO B 309 14.73 18.60 -6.74
C PRO B 309 13.69 17.75 -7.43
N GLU B 310 12.40 17.93 -7.10
CA GLU B 310 11.36 17.19 -7.80
C GLU B 310 11.15 17.72 -9.21
N ALA B 311 11.33 19.03 -9.41
CA ALA B 311 11.17 19.61 -10.73
C ALA B 311 12.25 19.11 -11.69
N LEU B 312 13.49 19.06 -11.22
CA LEU B 312 14.59 18.62 -12.08
C LEU B 312 14.49 17.13 -12.40
N ASP B 313 14.09 16.32 -11.41
CA ASP B 313 13.90 14.90 -11.65
C ASP B 313 12.75 14.65 -12.62
N PHE B 314 11.66 15.41 -12.49
CA PHE B 314 10.54 15.29 -13.40
C PHE B 314 10.92 15.75 -14.81
N LEU B 315 11.69 16.84 -14.90
CA LEU B 315 12.14 17.33 -16.19
C LEU B 315 13.11 16.35 -16.85
N ASP B 316 13.98 15.74 -16.07
CA ASP B 316 14.96 14.81 -16.62
C ASP B 316 14.31 13.57 -17.21
N LYS B 317 13.13 13.19 -16.71
CA LYS B 317 12.41 12.03 -17.22
C LYS B 317 11.49 12.37 -18.38
N LEU B 318 11.40 13.65 -18.76
CA LEU B 318 10.67 14.07 -19.95
C LEU B 318 11.58 14.30 -21.15
N LEU B 319 12.73 14.94 -20.93
CA LEU B 319 13.68 15.26 -22.00
C LEU B 319 14.63 14.09 -22.17
N ARG B 320 14.18 13.09 -22.93
CA ARG B 320 14.96 11.91 -23.24
C ARG B 320 15.06 11.74 -24.75
N TYR B 321 16.21 11.25 -25.21
CA TYR B 321 16.37 10.94 -26.63
C TYR B 321 15.41 9.83 -27.03
N ASP B 322 15.43 8.72 -26.29
CA ASP B 322 14.58 7.57 -26.59
C ASP B 322 13.13 7.93 -26.28
N HIS B 323 12.29 7.99 -27.31
CA HIS B 323 10.90 8.37 -27.12
C HIS B 323 10.14 7.35 -26.28
N GLN B 324 10.57 6.08 -26.29
CA GLN B 324 9.93 5.08 -25.46
C GLN B 324 10.32 5.22 -24.00
N SER B 325 11.47 5.82 -23.70
CA SER B 325 11.91 5.98 -22.32
C SER B 325 11.23 7.16 -21.63
N ARG B 326 10.64 8.08 -22.39
CA ARG B 326 9.99 9.24 -21.80
C ARG B 326 8.74 8.83 -21.03
N LEU B 327 8.41 9.63 -20.02
CA LEU B 327 7.18 9.39 -19.25
C LEU B 327 5.96 9.65 -20.13
N THR B 328 4.93 8.83 -19.92
CA THR B 328 3.65 9.10 -20.55
C THR B 328 2.93 10.21 -19.78
N ALA B 329 1.82 10.69 -20.36
CA ALA B 329 1.08 11.77 -19.72
C ALA B 329 0.53 11.34 -18.36
N ARG B 330 0.09 10.08 -18.24
CA ARG B 330 -0.43 9.60 -16.97
C ARG B 330 0.69 9.35 -15.97
N GLU B 331 1.79 8.72 -16.41
CA GLU B 331 2.92 8.51 -15.52
C GLU B 331 3.49 9.82 -15.03
N ALA B 332 3.45 10.87 -15.86
CA ALA B 332 3.93 12.17 -15.44
C ALA B 332 3.02 12.78 -14.37
N MET B 333 1.71 12.54 -14.49
CA MET B 333 0.77 13.06 -13.50
C MET B 333 1.00 12.45 -12.13
N GLU B 334 1.51 11.22 -12.08
CA GLU B 334 1.76 10.53 -10.81
C GLU B 334 3.10 10.92 -10.19
N HIS B 335 3.83 11.87 -10.78
CA HIS B 335 5.13 12.24 -10.24
C HIS B 335 4.97 13.01 -8.94
N PRO B 336 5.91 12.87 -8.00
CA PRO B 336 5.85 13.64 -6.76
C PRO B 336 5.86 15.15 -6.97
N TYR B 337 6.24 15.62 -8.16
CA TYR B 337 6.23 17.05 -8.45
C TYR B 337 4.84 17.66 -8.35
N PHE B 338 3.79 16.86 -8.51
CA PHE B 338 2.41 17.34 -8.48
C PHE B 338 1.67 16.90 -7.22
N TYR B 339 2.37 16.58 -6.15
CA TYR B 339 1.70 16.12 -4.93
C TYR B 339 0.80 17.21 -4.35
N THR B 340 1.28 18.45 -4.33
CA THR B 340 0.47 19.54 -3.78
C THR B 340 -0.76 19.81 -4.64
N VAL B 341 -0.65 19.63 -5.96
CA VAL B 341 -1.76 19.92 -6.86
C VAL B 341 -2.84 18.85 -6.74
N VAL B 342 -2.43 17.58 -6.61
CA VAL B 342 -3.41 16.50 -6.57
C VAL B 342 -4.21 16.54 -5.27
N LYS B 343 -3.56 16.87 -4.16
CA LYS B 343 -4.26 16.92 -2.87
C LYS B 343 -5.27 18.05 -2.82
N ASP B 344 -5.03 19.15 -3.53
CA ASP B 344 -5.94 20.30 -3.49
C ASP B 344 -7.14 20.15 -4.41
N GLN B 345 -7.18 19.11 -5.24
CA GLN B 345 -8.33 18.89 -6.12
C GLN B 345 -9.34 17.92 -5.50
N GLY C 17 -6.03 -27.47 18.22
CA GLY C 17 -7.22 -26.66 18.42
C GLY C 17 -7.45 -26.28 19.86
N PRO C 18 -8.21 -25.21 20.09
CA PRO C 18 -8.49 -24.78 21.46
C PRO C 18 -9.43 -25.74 22.16
N VAL C 19 -9.35 -25.73 23.49
CA VAL C 19 -10.15 -26.61 24.35
C VAL C 19 -11.55 -25.99 24.48
N PRO C 20 -12.62 -26.78 24.35
CA PRO C 20 -13.96 -26.22 24.48
C PRO C 20 -14.23 -25.70 25.89
N SER C 21 -15.31 -24.94 26.02
CA SER C 21 -15.70 -24.34 27.28
C SER C 21 -17.20 -24.15 27.32
N ARG C 22 -17.74 -24.08 28.53
CA ARG C 22 -19.16 -23.83 28.74
C ARG C 22 -19.33 -22.95 29.97
N ALA C 23 -20.46 -22.24 30.00
CA ALA C 23 -20.76 -21.35 31.12
C ALA C 23 -21.08 -22.16 32.37
N ARG C 24 -20.67 -21.61 33.52
CA ARG C 24 -20.98 -22.25 34.80
C ARG C 24 -22.42 -22.04 35.23
N VAL C 25 -23.12 -21.07 34.67
CA VAL C 25 -24.47 -20.73 35.07
C VAL C 25 -25.31 -20.47 33.82
N TYR C 26 -26.59 -20.82 33.91
CA TYR C 26 -27.55 -20.61 32.82
C TYR C 26 -27.07 -21.26 31.53
N THR C 27 -26.54 -22.48 31.65
CA THR C 27 -25.90 -23.13 30.51
C THR C 27 -26.92 -23.54 29.46
N ASP C 28 -27.97 -24.24 29.87
CA ASP C 28 -28.94 -24.83 28.96
C ASP C 28 -30.30 -24.15 29.01
N VAL C 29 -30.33 -22.85 29.31
CA VAL C 29 -31.60 -22.14 29.40
C VAL C 29 -32.26 -22.05 28.03
N ASN C 30 -31.48 -21.66 27.01
CA ASN C 30 -32.05 -21.51 25.67
C ASN C 30 -32.39 -22.85 25.03
N THR C 31 -31.61 -23.90 25.35
CA THR C 31 -31.93 -25.22 24.81
C THR C 31 -33.25 -25.74 25.33
N HIS C 32 -33.60 -25.43 26.58
CA HIS C 32 -34.87 -25.85 27.15
C HIS C 32 -36.02 -24.94 26.74
N ARG C 33 -35.72 -23.73 26.26
CA ARG C 33 -36.75 -22.84 25.77
C ARG C 33 -37.32 -23.36 24.46
N PRO C 34 -38.55 -22.96 24.12
CA PRO C 34 -39.05 -23.23 22.77
C PRO C 34 -38.23 -22.48 21.73
N ARG C 35 -38.23 -23.03 20.51
CA ARG C 35 -37.44 -22.44 19.43
C ARG C 35 -37.82 -21.00 19.15
N GLU C 36 -39.09 -20.65 19.37
CA GLU C 36 -39.55 -19.29 19.12
C GLU C 36 -38.84 -18.26 19.99
N TYR C 37 -38.30 -18.68 21.14
CA TYR C 37 -37.69 -17.72 22.05
C TYR C 37 -36.37 -17.17 21.49
N TRP C 38 -35.49 -18.04 21.01
CA TRP C 38 -34.16 -17.63 20.59
C TRP C 38 -33.96 -17.64 19.08
N ASP C 39 -34.97 -17.98 18.29
CA ASP C 39 -34.86 -17.95 16.84
C ASP C 39 -35.34 -16.59 16.34
N TYR C 40 -34.47 -15.59 16.49
CA TYR C 40 -34.82 -14.22 16.09
C TYR C 40 -34.96 -14.08 14.58
N GLU C 41 -34.34 -14.96 13.80
CA GLU C 41 -34.46 -14.87 12.35
C GLU C 41 -35.89 -15.14 11.89
N SER C 42 -36.57 -16.06 12.58
CA SER C 42 -37.96 -16.39 12.27
C SER C 42 -38.95 -15.48 13.00
N HIS C 43 -38.47 -14.46 13.71
CA HIS C 43 -39.36 -13.59 14.47
C HIS C 43 -40.08 -12.63 13.54
N VAL C 44 -41.40 -12.51 13.75
CA VAL C 44 -42.23 -11.58 13.00
C VAL C 44 -42.40 -10.32 13.84
N VAL C 45 -42.12 -9.17 13.24
CA VAL C 45 -42.12 -7.92 13.96
C VAL C 45 -43.53 -7.33 13.90
N GLU C 46 -44.08 -7.02 15.07
CA GLU C 46 -45.37 -6.33 15.14
C GLU C 46 -45.10 -4.84 15.04
N TRP C 47 -45.49 -4.25 13.92
CA TRP C 47 -45.17 -2.86 13.64
C TRP C 47 -46.26 -1.93 14.18
N GLY C 48 -45.83 -0.81 14.75
CA GLY C 48 -46.74 0.23 15.18
C GLY C 48 -46.98 1.23 14.07
N ASN C 49 -47.55 2.37 14.46
CA ASN C 49 -47.85 3.45 13.53
C ASN C 49 -46.83 4.55 13.74
N GLN C 50 -45.95 4.76 12.76
CA GLN C 50 -44.93 5.80 12.88
C GLN C 50 -45.53 7.19 12.93
N ASP C 51 -46.77 7.37 12.47
CA ASP C 51 -47.40 8.67 12.51
C ASP C 51 -47.87 9.05 13.92
N ASP C 52 -47.61 8.21 14.92
CA ASP C 52 -47.91 8.57 16.30
C ASP C 52 -46.79 9.37 16.95
N TYR C 53 -45.66 9.54 16.26
CA TYR C 53 -44.48 10.17 16.82
C TYR C 53 -43.96 11.23 15.87
N GLN C 54 -43.51 12.35 16.43
CA GLN C 54 -42.98 13.47 15.66
C GLN C 54 -41.58 13.78 16.15
N LEU C 55 -40.59 13.65 15.26
CA LEU C 55 -39.21 13.90 15.64
C LEU C 55 -39.02 15.38 15.96
N VAL C 56 -38.23 15.65 16.98
CA VAL C 56 -37.97 17.02 17.45
C VAL C 56 -36.51 17.40 17.23
N ARG C 57 -35.58 16.69 17.87
CA ARG C 57 -34.16 16.99 17.77
C ARG C 57 -33.38 15.70 17.92
N LYS C 58 -32.14 15.72 17.42
CA LYS C 58 -31.25 14.57 17.51
C LYS C 58 -30.48 14.61 18.82
N LEU C 59 -30.38 13.45 19.47
CA LEU C 59 -29.68 13.33 20.74
C LEU C 59 -28.32 12.67 20.64
N GLY C 60 -28.12 11.80 19.65
CA GLY C 60 -26.85 11.12 19.51
C GLY C 60 -26.81 10.30 18.25
N ARG C 61 -25.59 9.91 17.87
CA ARG C 61 -25.31 9.15 16.66
C ARG C 61 -24.56 7.88 17.02
N GLY C 62 -24.27 7.08 16.00
CA GLY C 62 -23.59 5.81 16.20
C GLY C 62 -23.40 5.12 14.87
N LYS C 63 -22.52 4.11 14.89
CA LYS C 63 -22.11 3.43 13.66
C LYS C 63 -23.20 2.51 13.11
N TYR C 64 -24.36 2.48 13.74
CA TYR C 64 -25.52 1.74 13.22
C TYR C 64 -26.84 2.38 13.60
N SER C 65 -26.86 3.46 14.37
CA SER C 65 -28.10 3.98 14.92
C SER C 65 -28.10 5.50 14.86
N GLU C 66 -29.31 6.07 14.75
CA GLU C 66 -29.53 7.51 14.83
C GLU C 66 -30.56 7.74 15.93
N VAL C 67 -30.12 8.35 17.04
CA VAL C 67 -30.98 8.53 18.21
C VAL C 67 -31.61 9.91 18.14
N PHE C 68 -32.95 9.94 18.21
CA PHE C 68 -33.71 11.18 18.17
C PHE C 68 -34.56 11.31 19.42
N GLU C 69 -34.99 12.54 19.68
CA GLU C 69 -35.99 12.84 20.70
C GLU C 69 -37.28 13.24 19.98
N ALA C 70 -38.36 12.54 20.29
CA ALA C 70 -39.62 12.70 19.58
C ALA C 70 -40.75 12.97 20.56
N ILE C 71 -41.94 13.19 20.01
CA ILE C 71 -43.14 13.47 20.79
C ILE C 71 -44.22 12.49 20.38
N ASN C 72 -44.70 11.70 21.34
CA ASN C 72 -45.83 10.80 21.10
C ASN C 72 -47.09 11.64 21.04
N ILE C 73 -47.57 11.92 19.82
CA ILE C 73 -48.71 12.81 19.64
C ILE C 73 -50.01 12.19 20.14
N THR C 74 -50.01 10.92 20.55
CA THR C 74 -51.21 10.32 21.09
C THR C 74 -51.53 10.89 22.46
N ASN C 75 -50.51 11.01 23.33
CA ASN C 75 -50.69 11.52 24.68
C ASN C 75 -49.76 12.69 25.00
N ASN C 76 -49.11 13.26 23.98
CA ASN C 76 -48.21 14.41 24.16
C ASN C 76 -47.11 14.09 25.16
N GLU C 77 -46.51 12.91 25.00
CA GLU C 77 -45.43 12.46 25.86
C GLU C 77 -44.13 12.36 25.06
N LYS C 78 -43.03 12.73 25.71
CA LYS C 78 -41.72 12.65 25.08
C LYS C 78 -41.26 11.20 24.99
N VAL C 79 -40.57 10.87 23.89
CA VAL C 79 -40.02 9.55 23.65
C VAL C 79 -38.65 9.69 22.99
N VAL C 80 -37.94 8.57 22.90
CA VAL C 80 -36.63 8.51 22.25
C VAL C 80 -36.71 7.45 21.15
N VAL C 81 -36.40 7.85 19.93
CA VAL C 81 -36.49 6.97 18.76
C VAL C 81 -35.08 6.69 18.26
N LYS C 82 -34.76 5.40 18.08
CA LYS C 82 -33.46 4.98 17.57
C LYS C 82 -33.65 4.38 16.18
N ILE C 83 -33.16 5.08 15.15
CA ILE C 83 -33.23 4.60 13.78
C ILE C 83 -32.11 3.58 13.59
N LEU C 84 -32.48 2.32 13.37
CA LEU C 84 -31.48 1.27 13.24
C LEU C 84 -30.92 1.20 11.83
N LYS C 85 -29.61 0.97 11.73
CA LYS C 85 -28.94 0.82 10.43
C LYS C 85 -28.05 -0.42 10.31
N PRO C 86 -28.33 -1.54 10.97
CA PRO C 86 -27.44 -2.72 10.83
C PRO C 86 -27.37 -3.18 9.38
N VAL C 87 -26.15 -3.39 8.90
CA VAL C 87 -25.94 -3.91 7.54
C VAL C 87 -26.84 -5.09 7.27
N LYS C 88 -26.78 -6.11 8.13
CA LYS C 88 -27.63 -7.30 7.99
C LYS C 88 -28.99 -7.11 8.64
N LYS C 89 -30.04 -7.54 7.95
CA LYS C 89 -31.38 -7.58 8.55
C LYS C 89 -31.42 -8.55 9.72
N LYS C 90 -30.55 -9.56 9.71
CA LYS C 90 -30.48 -10.53 10.79
C LYS C 90 -30.26 -9.86 12.14
N LYS C 91 -29.45 -8.79 12.16
CA LYS C 91 -29.14 -8.11 13.42
C LYS C 91 -30.30 -7.26 13.92
N ILE C 92 -31.18 -6.79 13.03
CA ILE C 92 -32.28 -5.96 13.46
C ILE C 92 -33.33 -6.78 14.20
N LYS C 93 -33.56 -8.02 13.74
CA LYS C 93 -34.51 -8.90 14.41
C LYS C 93 -33.96 -9.39 15.75
N ARG C 94 -32.64 -9.52 15.86
CA ARG C 94 -32.04 -10.00 17.10
C ARG C 94 -32.23 -8.98 18.22
N GLU C 95 -31.97 -7.71 17.94
CA GLU C 95 -32.14 -6.68 18.98
C GLU C 95 -33.60 -6.52 19.35
N ILE C 96 -34.51 -6.65 18.39
CA ILE C 96 -35.93 -6.55 18.68
C ILE C 96 -36.39 -7.72 19.55
N LYS C 97 -35.98 -8.93 19.19
CA LYS C 97 -36.39 -10.12 19.93
C LYS C 97 -35.81 -10.10 21.35
N ILE C 98 -34.57 -9.64 21.50
CA ILE C 98 -33.95 -9.59 22.82
C ILE C 98 -34.64 -8.56 23.70
N LEU C 99 -35.01 -7.41 23.14
CA LEU C 99 -35.70 -6.39 23.92
C LEU C 99 -37.09 -6.87 24.34
N GLU C 100 -37.73 -7.71 23.53
CA GLU C 100 -39.06 -8.21 23.90
C GLU C 100 -38.98 -9.29 24.97
N ASN C 101 -37.98 -10.17 24.87
CA ASN C 101 -37.81 -11.22 25.88
C ASN C 101 -37.43 -10.64 27.24
N LEU C 102 -36.72 -9.51 27.25
CA LEU C 102 -36.26 -8.88 28.49
C LEU C 102 -37.19 -7.78 28.98
N ARG C 103 -38.29 -7.51 28.27
CA ARG C 103 -39.20 -6.44 28.65
C ARG C 103 -39.80 -6.73 30.01
N GLY C 104 -39.61 -5.79 30.94
CA GLY C 104 -40.10 -5.95 32.30
C GLY C 104 -39.06 -6.38 33.32
N GLY C 105 -37.83 -6.63 32.88
CA GLY C 105 -36.78 -7.02 33.79
C GLY C 105 -36.27 -5.85 34.60
N PRO C 106 -35.54 -6.14 35.68
CA PRO C 106 -35.05 -5.05 36.54
C PRO C 106 -33.97 -4.24 35.83
N ASN C 107 -34.18 -2.92 35.79
CA ASN C 107 -33.23 -1.97 35.22
C ASN C 107 -32.96 -2.20 33.74
N ILE C 108 -33.87 -2.90 33.05
CA ILE C 108 -33.78 -3.12 31.61
C ILE C 108 -34.64 -2.07 30.92
N ILE C 109 -34.10 -1.47 29.85
CA ILE C 109 -34.85 -0.48 29.09
C ILE C 109 -36.08 -1.14 28.46
N THR C 110 -37.20 -0.43 28.49
CA THR C 110 -38.47 -0.98 28.05
C THR C 110 -38.77 -0.49 26.63
N LEU C 111 -38.93 -1.43 25.70
CA LEU C 111 -39.28 -1.12 24.32
C LEU C 111 -40.76 -0.77 24.23
N ALA C 112 -41.07 0.47 23.85
CA ALA C 112 -42.44 0.93 23.82
C ALA C 112 -43.14 0.63 22.48
N ASP C 113 -42.43 0.76 21.37
CA ASP C 113 -43.07 0.60 20.06
C ASP C 113 -42.00 0.35 19.00
N ILE C 114 -42.43 -0.20 17.87
CA ILE C 114 -41.57 -0.46 16.73
C ILE C 114 -42.25 0.10 15.49
N VAL C 115 -41.61 1.07 14.84
CA VAL C 115 -42.17 1.76 13.68
C VAL C 115 -41.19 1.68 12.52
N LYS C 116 -41.65 2.12 11.36
CA LYS C 116 -40.85 2.19 10.14
C LYS C 116 -40.76 3.63 9.65
N ASP C 117 -39.58 3.99 9.15
CA ASP C 117 -39.39 5.29 8.52
C ASP C 117 -40.27 5.37 7.27
N PRO C 118 -41.16 6.35 7.16
CA PRO C 118 -42.08 6.38 6.02
C PRO C 118 -41.40 6.52 4.66
N VAL C 119 -40.19 7.06 4.60
CA VAL C 119 -39.53 7.30 3.32
C VAL C 119 -38.60 6.14 2.97
N SER C 120 -37.61 5.89 3.82
CA SER C 120 -36.60 4.88 3.54
C SER C 120 -36.98 3.49 4.03
N ARG C 121 -38.13 3.34 4.68
CA ARG C 121 -38.58 2.06 5.23
C ARG C 121 -37.58 1.49 6.23
N THR C 122 -36.85 2.39 6.90
CA THR C 122 -35.86 1.98 7.87
C THR C 122 -36.53 1.77 9.23
N PRO C 123 -36.27 0.65 9.90
CA PRO C 123 -36.91 0.39 11.18
C PRO C 123 -36.44 1.36 12.26
N ALA C 124 -37.27 1.53 13.28
CA ALA C 124 -36.98 2.44 14.37
C ALA C 124 -37.59 1.92 15.66
N LEU C 125 -36.79 1.90 16.73
CA LEU C 125 -37.24 1.48 18.03
C LEU C 125 -37.64 2.69 18.85
N VAL C 126 -38.76 2.58 19.56
CA VAL C 126 -39.30 3.67 20.36
C VAL C 126 -39.27 3.23 21.82
N PHE C 127 -38.58 4.01 22.65
CA PHE C 127 -38.48 3.73 24.08
C PHE C 127 -39.20 4.81 24.87
N GLU C 128 -39.56 4.48 26.10
CA GLU C 128 -40.02 5.49 27.04
C GLU C 128 -38.90 6.48 27.30
N HIS C 129 -39.28 7.74 27.54
CA HIS C 129 -38.28 8.79 27.66
C HIS C 129 -37.38 8.57 28.86
N VAL C 130 -36.08 8.79 28.65
CA VAL C 130 -35.07 8.71 29.70
C VAL C 130 -34.18 9.93 29.57
N ASN C 131 -33.83 10.53 30.69
CA ASN C 131 -32.91 11.67 30.68
C ASN C 131 -31.55 11.23 30.12
N ASN C 132 -31.12 11.88 29.05
CA ASN C 132 -29.90 11.50 28.34
C ASN C 132 -28.65 11.79 29.16
N THR C 133 -28.57 11.22 30.35
CA THR C 133 -27.42 11.37 31.24
C THR C 133 -26.78 10.00 31.40
N ASP C 134 -25.73 9.76 30.62
CA ASP C 134 -25.04 8.48 30.67
C ASP C 134 -24.31 8.32 32.00
N PHE C 135 -23.91 7.07 32.28
CA PHE C 135 -23.09 6.80 33.45
C PHE C 135 -21.71 7.42 33.31
N LYS C 136 -21.28 7.71 32.08
CA LYS C 136 -19.96 8.26 31.84
C LYS C 136 -19.88 9.71 32.29
N GLN C 137 -20.99 10.43 32.19
CA GLN C 137 -21.07 11.82 32.62
C GLN C 137 -21.29 11.97 34.12
N LEU C 138 -21.26 10.87 34.87
CA LEU C 138 -21.53 10.90 36.31
C LEU C 138 -20.66 10.00 37.16
N TYR C 139 -20.07 8.92 36.62
CA TYR C 139 -19.39 7.94 37.46
C TYR C 139 -18.08 8.45 38.04
N GLN C 140 -17.59 9.59 37.58
CA GLN C 140 -16.42 10.23 38.17
C GLN C 140 -16.81 11.25 39.23
N THR C 141 -18.08 11.28 39.64
CA THR C 141 -18.59 12.23 40.61
C THR C 141 -19.44 11.55 41.68
N LEU C 142 -19.27 10.25 41.85
CA LEU C 142 -20.08 9.48 42.79
C LEU C 142 -19.39 9.32 44.13
N THR C 143 -20.16 8.93 45.14
CA THR C 143 -19.66 8.62 46.46
C THR C 143 -19.33 7.13 46.54
N ASP C 144 -18.80 6.71 47.69
CA ASP C 144 -18.54 5.28 47.89
C ASP C 144 -19.84 4.49 47.85
N TYR C 145 -20.88 5.01 48.53
CA TYR C 145 -22.17 4.33 48.53
C TYR C 145 -22.84 4.39 47.16
N ASP C 146 -22.66 5.49 46.44
CA ASP C 146 -23.28 5.62 45.11
C ASP C 146 -22.72 4.60 44.15
N ILE C 147 -21.40 4.37 44.19
CA ILE C 147 -20.80 3.35 43.33
C ILE C 147 -21.34 1.97 43.66
N ARG C 148 -21.39 1.63 44.95
CA ARG C 148 -21.92 0.34 45.35
C ARG C 148 -23.39 0.19 44.95
N PHE C 149 -24.17 1.27 45.07
CA PHE C 149 -25.58 1.20 44.71
C PHE C 149 -25.76 1.00 43.21
N TYR C 150 -25.07 1.81 42.41
CA TYR C 150 -25.24 1.74 40.96
C TYR C 150 -24.59 0.48 40.39
N MET C 151 -23.47 0.04 40.97
CA MET C 151 -22.94 -1.27 40.59
C MET C 151 -23.94 -2.36 40.90
N TYR C 152 -24.64 -2.26 42.04
CA TYR C 152 -25.66 -3.24 42.38
C TYR C 152 -26.85 -3.15 41.44
N GLU C 153 -27.20 -1.95 40.98
CA GLU C 153 -28.29 -1.81 40.03
C GLU C 153 -27.91 -2.37 38.66
N ILE C 154 -26.67 -2.17 38.24
CA ILE C 154 -26.21 -2.76 36.98
C ILE C 154 -26.16 -4.28 37.11
N LEU C 155 -25.84 -4.80 38.29
CA LEU C 155 -25.83 -6.24 38.50
C LEU C 155 -27.23 -6.83 38.39
N LYS C 156 -28.26 -6.08 38.79
CA LYS C 156 -29.63 -6.56 38.63
C LYS C 156 -29.96 -6.82 37.17
N ALA C 157 -29.55 -5.90 36.29
CA ALA C 157 -29.82 -6.07 34.86
C ALA C 157 -28.98 -7.21 34.28
N LEU C 158 -27.73 -7.33 34.71
CA LEU C 158 -26.85 -8.37 34.18
C LEU C 158 -27.32 -9.75 34.59
N ASP C 159 -27.68 -9.93 35.87
CA ASP C 159 -28.12 -11.24 36.32
C ASP C 159 -29.45 -11.64 35.70
N TYR C 160 -30.32 -10.68 35.39
CA TYR C 160 -31.60 -11.00 34.79
C TYR C 160 -31.44 -11.50 33.35
N CYS C 161 -30.75 -10.71 32.52
CA CYS C 161 -30.60 -11.09 31.12
C CYS C 161 -29.75 -12.33 30.95
N HIS C 162 -28.79 -12.57 31.86
CA HIS C 162 -28.06 -13.82 31.84
C HIS C 162 -28.97 -15.00 32.14
N SER C 163 -29.87 -14.84 33.12
CA SER C 163 -30.82 -15.90 33.43
C SER C 163 -31.80 -16.14 32.29
N MET C 164 -31.98 -15.17 31.40
CA MET C 164 -32.78 -15.33 30.20
C MET C 164 -31.98 -15.82 29.01
N GLY C 165 -30.72 -16.22 29.23
CA GLY C 165 -29.91 -16.75 28.16
C GLY C 165 -29.36 -15.71 27.20
N ILE C 166 -29.17 -14.48 27.66
CA ILE C 166 -28.74 -13.37 26.81
C ILE C 166 -27.55 -12.70 27.45
N MET C 167 -26.50 -12.47 26.67
CA MET C 167 -25.32 -11.74 27.11
C MET C 167 -25.25 -10.41 26.38
N HIS C 168 -24.95 -9.34 27.12
CA HIS C 168 -24.99 -8.00 26.56
C HIS C 168 -23.86 -7.78 25.56
N ARG C 169 -22.64 -8.20 25.94
CA ARG C 169 -21.45 -8.11 25.10
C ARG C 169 -21.06 -6.67 24.76
N ASP C 170 -21.52 -5.69 25.54
CA ASP C 170 -21.15 -4.31 25.32
C ASP C 170 -21.39 -3.48 26.58
N VAL C 171 -21.04 -4.02 27.74
CA VAL C 171 -21.22 -3.29 28.99
C VAL C 171 -20.15 -2.19 29.07
N LYS C 172 -20.61 -0.94 29.15
CA LYS C 172 -19.71 0.20 29.25
C LYS C 172 -20.51 1.40 29.75
N PRO C 173 -19.83 2.42 30.30
CA PRO C 173 -20.59 3.56 30.87
C PRO C 173 -21.51 4.25 29.89
N HIS C 174 -21.12 4.34 28.62
N HIS C 174 -21.12 4.36 28.62
CA HIS C 174 -21.96 5.00 27.63
CA HIS C 174 -21.96 5.00 27.63
C HIS C 174 -23.25 4.25 27.37
C HIS C 174 -23.24 4.24 27.34
N ASN C 175 -23.34 2.98 27.78
CA ASN C 175 -24.54 2.17 27.60
C ASN C 175 -25.32 2.02 28.90
N VAL C 176 -25.14 2.92 29.86
CA VAL C 176 -25.84 2.88 31.14
C VAL C 176 -26.48 4.25 31.35
N MET C 177 -27.80 4.33 31.18
CA MET C 177 -28.53 5.56 31.44
C MET C 177 -28.89 5.67 32.91
N ILE C 178 -28.69 6.85 33.47
CA ILE C 178 -28.85 7.07 34.91
C ILE C 178 -29.60 8.37 35.14
N ASP C 179 -30.52 8.35 36.11
CA ASP C 179 -31.22 9.54 36.61
C ASP C 179 -30.88 9.62 38.10
N HIS C 180 -29.85 10.40 38.42
CA HIS C 180 -29.30 10.40 39.78
C HIS C 180 -30.30 10.91 40.82
N GLU C 181 -31.19 11.82 40.43
CA GLU C 181 -32.14 12.37 41.40
C GLU C 181 -33.13 11.32 41.87
N HIS C 182 -33.67 10.53 40.96
CA HIS C 182 -34.65 9.50 41.28
C HIS C 182 -34.02 8.12 41.50
N ARG C 183 -32.70 8.02 41.43
CA ARG C 183 -31.98 6.76 41.67
C ARG C 183 -32.44 5.66 40.71
N LYS C 184 -32.65 6.02 39.46
CA LYS C 184 -33.03 5.06 38.43
C LYS C 184 -31.88 4.82 37.48
N LEU C 185 -31.78 3.58 36.99
CA LEU C 185 -30.71 3.15 36.12
C LEU C 185 -31.28 2.19 35.09
N ARG C 186 -30.84 2.33 33.83
CA ARG C 186 -31.31 1.49 32.75
C ARG C 186 -30.13 1.08 31.89
N LEU C 187 -30.02 -0.22 31.59
CA LEU C 187 -29.01 -0.74 30.69
C LEU C 187 -29.58 -0.73 29.28
N ILE C 188 -28.94 0.01 28.37
CA ILE C 188 -29.49 0.24 27.05
C ILE C 188 -28.56 -0.30 25.98
N ASP C 189 -28.91 -0.05 24.71
CA ASP C 189 -28.12 -0.46 23.55
C ASP C 189 -27.86 -1.97 23.57
N TRP C 190 -28.84 -2.74 23.11
CA TRP C 190 -28.73 -4.19 23.04
C TRP C 190 -28.47 -4.69 21.62
N GLY C 191 -27.82 -3.85 20.80
CA GLY C 191 -27.54 -4.22 19.42
C GLY C 191 -26.49 -5.31 19.26
N LEU C 192 -25.60 -5.45 20.24
CA LEU C 192 -24.57 -6.47 20.22
C LEU C 192 -24.92 -7.69 21.06
N ALA C 193 -26.05 -7.66 21.76
CA ALA C 193 -26.45 -8.78 22.60
C ALA C 193 -26.74 -10.02 21.75
N GLU C 194 -26.58 -11.19 22.37
CA GLU C 194 -26.72 -12.45 21.66
C GLU C 194 -27.16 -13.53 22.63
N PHE C 195 -27.97 -14.46 22.13
CA PHE C 195 -28.37 -15.62 22.93
C PHE C 195 -27.19 -16.56 23.11
N TYR C 196 -27.07 -17.12 24.31
CA TYR C 196 -26.00 -18.07 24.59
C TYR C 196 -26.48 -19.49 24.35
N HIS C 197 -25.76 -20.23 23.51
CA HIS C 197 -26.00 -21.64 23.28
C HIS C 197 -24.70 -22.38 23.52
N PRO C 198 -24.73 -23.50 24.26
CA PRO C 198 -23.48 -24.20 24.57
C PRO C 198 -22.78 -24.72 23.32
N GLY C 199 -21.46 -24.53 23.28
CA GLY C 199 -20.66 -24.96 22.16
C GLY C 199 -20.57 -23.99 21.00
N GLN C 200 -21.37 -22.92 21.02
CA GLN C 200 -21.33 -21.96 19.93
C GLN C 200 -20.06 -21.13 19.98
N GLU C 201 -19.52 -20.82 18.80
CA GLU C 201 -18.34 -19.98 18.66
C GLU C 201 -18.81 -18.61 18.16
N TYR C 202 -18.68 -17.60 19.02
CA TYR C 202 -19.22 -16.28 18.75
C TYR C 202 -18.14 -15.37 18.16
N ASN C 203 -18.60 -14.23 17.64
CA ASN C 203 -17.67 -13.26 17.07
C ASN C 203 -16.89 -12.56 18.17
N VAL C 204 -15.56 -12.57 18.04
CA VAL C 204 -14.71 -11.94 19.05
C VAL C 204 -14.58 -10.44 18.84
N ARG C 205 -15.09 -9.91 17.73
CA ARG C 205 -15.01 -8.48 17.43
C ARG C 205 -16.24 -7.76 17.96
N VAL C 206 -16.44 -7.84 19.27
CA VAL C 206 -17.56 -7.22 19.96
C VAL C 206 -17.02 -6.35 21.09
N ALA C 207 -17.90 -5.52 21.65
CA ALA C 207 -17.59 -4.60 22.74
C ALA C 207 -16.55 -3.57 22.35
N SER C 208 -16.29 -2.61 23.23
CA SER C 208 -15.31 -1.57 22.95
C SER C 208 -13.91 -2.06 23.32
N ARG C 209 -12.91 -1.43 22.70
CA ARG C 209 -11.52 -1.84 22.88
C ARG C 209 -11.12 -1.78 24.35
N TYR C 210 -11.44 -0.68 25.03
CA TYR C 210 -11.06 -0.50 26.42
C TYR C 210 -11.80 -1.44 27.36
N PHE C 211 -12.76 -2.22 26.86
CA PHE C 211 -13.54 -3.14 27.68
C PHE C 211 -13.54 -4.56 27.11
N LYS C 212 -12.74 -4.83 26.08
CA LYS C 212 -12.64 -6.19 25.55
C LYS C 212 -11.97 -7.10 26.57
N GLY C 213 -12.58 -8.25 26.82
CA GLY C 213 -12.00 -9.24 27.69
C GLY C 213 -10.81 -9.92 27.05
N PRO C 214 -9.99 -10.58 27.86
CA PRO C 214 -8.83 -11.29 27.30
C PRO C 214 -9.23 -12.37 26.30
N GLU C 215 -10.42 -12.97 26.45
CA GLU C 215 -10.85 -13.99 25.50
C GLU C 215 -11.11 -13.39 24.13
N LEU C 216 -11.52 -12.12 24.07
CA LEU C 216 -11.67 -11.45 22.78
C LEU C 216 -10.32 -11.02 22.21
N LEU C 217 -9.37 -10.68 23.07
CA LEU C 217 -8.07 -10.22 22.60
C LEU C 217 -7.22 -11.36 22.05
N VAL C 218 -7.36 -12.57 22.62
CA VAL C 218 -6.64 -13.74 22.14
C VAL C 218 -7.49 -14.56 21.17
N ASP C 219 -8.68 -14.08 20.82
CA ASP C 219 -9.55 -14.72 19.83
C ASP C 219 -9.99 -16.11 20.28
N TYR C 220 -10.58 -16.16 21.47
CA TYR C 220 -11.25 -17.36 21.97
C TYR C 220 -12.75 -17.17 21.77
N GLN C 221 -13.32 -17.90 20.81
CA GLN C 221 -14.68 -17.63 20.36
C GLN C 221 -15.75 -18.30 21.22
N MET C 222 -15.39 -19.28 22.05
CA MET C 222 -16.36 -20.03 22.83
C MET C 222 -16.48 -19.47 24.25
N TYR C 223 -16.83 -18.19 24.33
CA TYR C 223 -17.03 -17.51 25.60
C TYR C 223 -18.51 -17.53 25.98
N ASP C 224 -18.85 -16.86 27.08
CA ASP C 224 -20.21 -16.86 27.58
C ASP C 224 -20.57 -15.58 28.33
N TYR C 225 -21.44 -15.70 29.34
CA TYR C 225 -21.93 -14.52 30.05
C TYR C 225 -20.82 -13.79 30.80
N SER C 226 -19.75 -14.52 31.17
CA SER C 226 -18.67 -13.92 31.94
C SER C 226 -17.96 -12.79 31.20
N LEU C 227 -18.21 -12.63 29.89
CA LEU C 227 -17.65 -11.49 29.16
C LEU C 227 -18.16 -10.18 29.72
N ASP C 228 -19.44 -10.12 30.09
CA ASP C 228 -19.98 -8.89 30.67
C ASP C 228 -19.38 -8.59 32.04
N MET C 229 -18.95 -9.63 32.76
CA MET C 229 -18.37 -9.41 34.09
C MET C 229 -16.99 -8.79 34.01
N TRP C 230 -16.24 -9.08 32.95
CA TRP C 230 -14.96 -8.39 32.74
C TRP C 230 -15.19 -6.92 32.40
N SER C 231 -16.11 -6.66 31.48
CA SER C 231 -16.42 -5.28 31.11
C SER C 231 -16.94 -4.50 32.32
N LEU C 232 -17.70 -5.16 33.19
CA LEU C 232 -18.16 -4.51 34.42
C LEU C 232 -17.00 -4.20 35.35
N GLY C 233 -16.01 -5.10 35.40
CA GLY C 233 -14.84 -4.85 36.24
C GLY C 233 -14.01 -3.66 35.76
N CYS C 234 -13.96 -3.44 34.44
CA CYS C 234 -13.27 -2.26 33.93
C CYS C 234 -13.98 -0.98 34.32
N MET C 235 -15.32 -1.02 34.40
CA MET C 235 -16.07 0.15 34.87
C MET C 235 -15.82 0.40 36.35
N LEU C 236 -15.78 -0.66 37.16
CA LEU C 236 -15.54 -0.50 38.59
C LEU C 236 -14.14 0.02 38.86
N ALA C 237 -13.13 -0.51 38.16
CA ALA C 237 -11.77 -0.02 38.33
C ALA C 237 -11.65 1.44 37.91
N SER C 238 -12.41 1.85 36.88
CA SER C 238 -12.36 3.23 36.43
C SER C 238 -12.97 4.19 37.44
N MET C 239 -13.85 3.72 38.32
CA MET C 239 -14.53 4.58 39.26
C MET C 239 -13.80 4.69 40.60
N ILE C 240 -13.47 3.56 41.21
CA ILE C 240 -12.82 3.58 42.52
C ILE C 240 -11.38 4.10 42.42
N PHE C 241 -10.80 4.07 41.22
CA PHE C 241 -9.45 4.59 41.00
C PHE C 241 -9.44 5.93 40.28
N ARG C 242 -10.59 6.36 39.75
CA ARG C 242 -10.71 7.62 39.00
C ARG C 242 -9.70 7.67 37.87
N LYS C 243 -9.76 6.64 37.02
CA LYS C 243 -8.87 6.50 35.87
C LYS C 243 -9.72 6.05 34.68
N GLU C 244 -9.83 6.92 33.69
CA GLU C 244 -10.72 6.67 32.54
C GLU C 244 -9.94 6.64 31.25
N PRO C 245 -9.80 5.47 30.60
CA PRO C 245 -10.23 4.14 31.05
C PRO C 245 -9.15 3.49 31.92
N PHE C 246 -9.44 2.38 32.59
CA PHE C 246 -8.42 1.76 33.43
C PHE C 246 -7.35 1.07 32.60
N PHE C 247 -7.76 0.39 31.52
CA PHE C 247 -6.84 -0.21 30.56
C PHE C 247 -6.91 0.63 29.29
N HIS C 248 -5.92 1.49 29.08
CA HIS C 248 -5.91 2.46 28.00
C HIS C 248 -4.83 2.06 26.99
N GLY C 249 -5.14 1.06 26.19
CA GLY C 249 -4.25 0.65 25.12
C GLY C 249 -4.58 1.33 23.82
N HIS C 250 -3.55 1.55 22.99
CA HIS C 250 -3.72 2.23 21.72
C HIS C 250 -4.14 1.30 20.59
N ASP C 251 -4.24 0.00 20.85
CA ASP C 251 -4.80 -0.94 19.90
C ASP C 251 -5.19 -2.21 20.66
N ASN C 252 -5.67 -3.21 19.93
CA ASN C 252 -6.11 -4.45 20.57
C ASN C 252 -4.92 -5.24 21.12
N TYR C 253 -3.79 -5.23 20.40
CA TYR C 253 -2.62 -5.96 20.87
C TYR C 253 -2.03 -5.31 22.11
N ASP C 254 -1.87 -3.98 22.08
CA ASP C 254 -1.35 -3.28 23.25
C ASP C 254 -2.34 -3.34 24.42
N GLN C 255 -3.63 -3.51 24.14
CA GLN C 255 -4.62 -3.61 25.20
C GLN C 255 -4.34 -4.79 26.12
N LEU C 256 -3.97 -5.93 25.55
CA LEU C 256 -3.62 -7.09 26.38
C LEU C 256 -2.34 -6.85 27.16
N VAL C 257 -1.42 -6.03 26.62
CA VAL C 257 -0.19 -5.72 27.33
C VAL C 257 -0.48 -4.86 28.57
N ARG C 258 -1.39 -3.90 28.43
CA ARG C 258 -1.76 -3.07 29.58
C ARG C 258 -2.43 -3.89 30.66
N ILE C 259 -3.17 -4.94 30.27
CA ILE C 259 -3.78 -5.83 31.25
C ILE C 259 -2.72 -6.65 31.96
N ALA C 260 -1.74 -7.16 31.20
CA ALA C 260 -0.68 -7.97 31.80
C ALA C 260 0.22 -7.15 32.71
N LYS C 261 0.37 -5.85 32.43
CA LYS C 261 1.17 -4.99 33.30
C LYS C 261 0.54 -4.83 34.68
N VAL C 262 -0.74 -5.15 34.82
CA VAL C 262 -1.45 -5.04 36.10
C VAL C 262 -1.73 -6.42 36.68
N LEU C 263 -2.29 -7.33 35.86
CA LEU C 263 -2.65 -8.66 36.35
C LEU C 263 -1.48 -9.62 36.38
N GLY C 264 -0.39 -9.32 35.69
CA GLY C 264 0.73 -10.25 35.65
C GLY C 264 0.58 -11.27 34.54
N THR C 265 1.72 -11.68 33.99
CA THR C 265 1.72 -12.61 32.86
C THR C 265 1.62 -14.07 33.29
N GLU C 266 1.87 -14.37 34.57
CA GLU C 266 1.82 -15.75 35.03
C GLU C 266 0.42 -16.34 34.83
N ASP C 267 -0.61 -15.63 35.28
CA ASP C 267 -1.98 -16.10 35.09
C ASP C 267 -2.43 -16.00 33.63
N LEU C 268 -1.78 -15.15 32.84
CA LEU C 268 -2.13 -15.07 31.42
C LEU C 268 -1.67 -16.31 30.66
N TYR C 269 -0.42 -16.73 30.88
CA TYR C 269 0.09 -17.88 30.16
C TYR C 269 -0.51 -19.18 30.69
N ASP C 270 -0.93 -19.21 31.95
CA ASP C 270 -1.67 -20.36 32.45
C ASP C 270 -3.06 -20.43 31.82
N TYR C 271 -3.69 -19.27 31.63
CA TYR C 271 -4.97 -19.23 30.94
C TYR C 271 -4.83 -19.68 29.49
N ILE C 272 -3.72 -19.34 28.84
CA ILE C 272 -3.52 -19.73 27.45
C ILE C 272 -3.23 -21.23 27.36
N ASP C 273 -2.37 -21.75 28.23
CA ASP C 273 -2.02 -23.17 28.18
C ASP C 273 -3.20 -24.05 28.59
N LYS C 274 -4.11 -23.54 29.42
CA LYS C 274 -5.25 -24.33 29.85
C LYS C 274 -6.19 -24.62 28.68
N TYR C 275 -6.58 -23.59 27.95
CA TYR C 275 -7.51 -23.73 26.83
C TYR C 275 -6.79 -23.99 25.50
N ASN C 276 -5.47 -24.21 25.53
CA ASN C 276 -4.70 -24.53 24.34
C ASN C 276 -4.87 -23.46 23.26
N ILE C 277 -4.81 -22.20 23.68
CA ILE C 277 -5.00 -21.08 22.77
C ILE C 277 -3.72 -20.83 21.98
N GLU C 278 -3.84 -20.73 20.66
CA GLU C 278 -2.71 -20.43 19.79
C GLU C 278 -2.56 -18.91 19.74
N LEU C 279 -1.63 -18.39 20.53
CA LEU C 279 -1.47 -16.95 20.63
C LEU C 279 -0.95 -16.36 19.31
N ASP C 280 -1.43 -15.16 19.00
CA ASP C 280 -1.02 -14.47 17.79
C ASP C 280 0.49 -14.18 17.84
N PRO C 281 1.23 -14.46 16.75
CA PRO C 281 2.68 -14.18 16.76
C PRO C 281 3.00 -12.72 16.98
N ARG C 282 2.05 -11.81 16.81
CA ARG C 282 2.29 -10.40 17.04
C ARG C 282 2.38 -10.07 18.52
N PHE C 283 1.77 -10.89 19.38
CA PHE C 283 1.85 -10.68 20.82
C PHE C 283 3.24 -11.02 21.37
N ASN C 284 3.95 -11.96 20.73
CA ASN C 284 5.20 -12.46 21.28
C ASN C 284 6.27 -11.38 21.41
N ASP C 285 6.27 -10.40 20.52
CA ASP C 285 7.32 -9.38 20.54
C ASP C 285 7.07 -8.28 21.56
N ILE C 286 5.87 -8.16 22.12
CA ILE C 286 5.52 -7.07 23.01
C ILE C 286 5.05 -7.54 24.38
N LEU C 287 4.96 -8.85 24.61
CA LEU C 287 4.41 -9.35 25.88
C LEU C 287 5.51 -9.47 26.93
N GLY C 288 6.35 -10.50 26.81
CA GLY C 288 7.40 -10.69 27.78
C GLY C 288 6.87 -11.22 29.11
N ARG C 289 7.50 -10.78 30.20
CA ARG C 289 7.15 -11.21 31.54
C ARG C 289 6.83 -9.99 32.39
N HIS C 290 5.70 -10.04 33.10
CA HIS C 290 5.30 -8.97 34.01
C HIS C 290 4.78 -9.58 35.31
N SER C 291 5.28 -9.08 36.43
CA SER C 291 4.78 -9.51 37.72
C SER C 291 3.44 -8.86 38.03
N ARG C 292 2.66 -9.52 38.88
CA ARG C 292 1.35 -8.99 39.26
C ARG C 292 1.49 -7.82 40.22
N LYS C 293 0.86 -6.71 39.88
CA LYS C 293 0.85 -5.52 40.73
C LYS C 293 -0.38 -5.54 41.62
N ARG C 294 -0.17 -5.37 42.92
CA ARG C 294 -1.28 -5.39 43.87
C ARG C 294 -2.15 -4.14 43.73
N TRP C 295 -3.43 -4.30 44.04
CA TRP C 295 -4.40 -3.22 43.84
C TRP C 295 -4.17 -2.03 44.76
N GLU C 296 -3.44 -2.21 45.86
CA GLU C 296 -3.17 -1.08 46.74
C GLU C 296 -2.27 -0.04 46.08
N ARG C 297 -1.48 -0.44 45.07
CA ARG C 297 -0.58 0.48 44.40
C ARG C 297 -1.30 1.48 43.52
N PHE C 298 -2.57 1.26 43.21
CA PHE C 298 -3.37 2.19 42.44
C PHE C 298 -4.17 3.16 43.31
N VAL C 299 -3.96 3.12 44.62
CA VAL C 299 -4.69 3.96 45.56
C VAL C 299 -3.85 5.18 45.88
N HIS C 300 -4.38 6.37 45.60
CA HIS C 300 -3.74 7.63 45.96
C HIS C 300 -4.72 8.46 46.81
N SER C 301 -4.33 9.70 47.08
CA SER C 301 -5.11 10.55 47.98
C SER C 301 -6.42 11.02 47.36
N GLU C 302 -6.59 10.90 46.05
CA GLU C 302 -7.79 11.38 45.38
C GLU C 302 -8.87 10.31 45.26
N ASN C 303 -8.56 9.05 45.58
CA ASN C 303 -9.52 7.96 45.47
C ASN C 303 -9.55 7.09 46.73
N GLN C 304 -8.91 7.52 47.82
CA GLN C 304 -8.83 6.67 49.00
C GLN C 304 -10.18 6.44 49.64
N HIS C 305 -11.11 7.39 49.50
CA HIS C 305 -12.44 7.23 50.06
C HIS C 305 -13.30 6.27 49.24
N LEU C 306 -12.93 6.03 47.98
CA LEU C 306 -13.65 5.10 47.12
C LEU C 306 -13.11 3.68 47.19
N VAL C 307 -11.92 3.49 47.76
CA VAL C 307 -11.27 2.18 47.85
C VAL C 307 -11.43 1.63 49.25
N SER C 308 -11.79 0.36 49.34
CA SER C 308 -11.93 -0.35 50.61
C SER C 308 -11.40 -1.77 50.42
N PRO C 309 -11.06 -2.47 51.51
CA PRO C 309 -10.63 -3.86 51.36
C PRO C 309 -11.67 -4.73 50.69
N GLU C 310 -12.96 -4.44 50.86
CA GLU C 310 -14.00 -5.18 50.17
C GLU C 310 -14.04 -4.82 48.69
N ALA C 311 -13.74 -3.57 48.35
CA ALA C 311 -13.74 -3.15 46.95
C ALA C 311 -12.64 -3.84 46.16
N LEU C 312 -11.43 -3.91 46.73
CA LEU C 312 -10.33 -4.53 46.02
C LEU C 312 -10.52 -6.04 45.89
N ASP C 313 -11.03 -6.68 46.94
CA ASP C 313 -11.29 -8.11 46.88
C ASP C 313 -12.39 -8.42 45.86
N PHE C 314 -13.43 -7.58 45.82
CA PHE C 314 -14.49 -7.78 44.84
C PHE C 314 -13.98 -7.52 43.42
N LEU C 315 -13.15 -6.50 43.24
CA LEU C 315 -12.59 -6.21 41.92
C LEU C 315 -11.63 -7.30 41.47
N ASP C 316 -10.86 -7.86 42.41
CA ASP C 316 -9.88 -8.88 42.06
C ASP C 316 -10.54 -10.14 41.53
N LYS C 317 -11.77 -10.42 41.94
CA LYS C 317 -12.51 -11.58 41.47
C LYS C 317 -13.31 -11.31 40.20
N LEU C 318 -13.30 -10.08 39.69
CA LEU C 318 -13.93 -9.75 38.42
C LEU C 318 -12.94 -9.69 37.27
N LEU C 319 -11.78 -9.07 37.48
CA LEU C 319 -10.76 -8.92 36.43
C LEU C 319 -9.84 -10.14 36.47
N ARG C 320 -10.29 -11.22 35.84
CA ARG C 320 -9.55 -12.46 35.74
C ARG C 320 -9.38 -12.85 34.29
N TYR C 321 -8.23 -13.46 33.98
CA TYR C 321 -8.02 -13.99 32.64
C TYR C 321 -8.99 -15.11 32.34
N ASP C 322 -9.07 -16.10 33.23
CA ASP C 322 -9.95 -17.25 33.04
C ASP C 322 -11.40 -16.81 33.20
N HIS C 323 -12.17 -16.89 32.12
CA HIS C 323 -13.57 -16.46 32.18
C HIS C 323 -14.39 -17.32 33.11
N GLN C 324 -13.99 -18.58 33.33
CA GLN C 324 -14.69 -19.43 34.28
C GLN C 324 -14.39 -19.07 35.72
N SER C 325 -13.25 -18.44 35.99
CA SER C 325 -12.89 -18.07 37.36
C SER C 325 -13.57 -16.78 37.82
N ARG C 326 -14.08 -15.99 36.89
CA ARG C 326 -14.73 -14.73 37.27
C ARG C 326 -16.03 -15.00 38.01
N LEU C 327 -16.38 -14.06 38.88
CA LEU C 327 -17.66 -14.15 39.60
C LEU C 327 -18.82 -13.99 38.63
N THR C 328 -19.89 -14.75 38.87
CA THR C 328 -21.12 -14.51 38.15
C THR C 328 -21.84 -13.30 38.72
N ALA C 329 -22.88 -12.85 38.02
CA ALA C 329 -23.62 -11.68 38.47
C ALA C 329 -24.28 -11.93 39.82
N ARG C 330 -24.75 -13.15 40.06
CA ARG C 330 -25.40 -13.45 41.34
C ARG C 330 -24.37 -13.56 42.46
N GLU C 331 -23.26 -14.25 42.21
CA GLU C 331 -22.20 -14.34 43.21
C GLU C 331 -21.62 -12.97 43.53
N ALA C 332 -21.56 -12.08 42.54
CA ALA C 332 -21.04 -10.74 42.77
C ALA C 332 -21.98 -9.95 43.67
N MET C 333 -23.29 -10.15 43.52
CA MET C 333 -24.26 -9.46 44.37
C MET C 333 -24.15 -9.90 45.82
N GLU C 334 -23.77 -11.16 46.06
CA GLU C 334 -23.64 -11.67 47.41
C GLU C 334 -22.31 -11.32 48.06
N HIS C 335 -21.48 -10.54 47.39
CA HIS C 335 -20.19 -10.18 47.94
C HIS C 335 -20.36 -9.21 49.09
N PRO C 336 -19.48 -9.25 50.09
CA PRO C 336 -19.54 -8.27 51.19
C PRO C 336 -19.43 -6.83 50.72
N TYR C 337 -18.99 -6.59 49.49
CA TYR C 337 -18.90 -5.22 48.96
C TYR C 337 -20.26 -4.55 48.91
N PHE C 338 -21.34 -5.31 48.84
CA PHE C 338 -22.69 -4.75 48.75
C PHE C 338 -23.49 -4.95 50.04
N TYR C 339 -22.80 -5.15 51.17
CA TYR C 339 -23.51 -5.39 52.43
C TYR C 339 -24.33 -4.17 52.84
N THR C 340 -23.79 -2.96 52.66
CA THR C 340 -24.52 -1.77 53.04
C THR C 340 -25.77 -1.57 52.18
N VAL C 341 -25.70 -1.95 50.90
CA VAL C 341 -26.83 -1.74 50.00
C VAL C 341 -27.93 -2.77 50.25
N VAL C 342 -27.55 -4.03 50.51
CA VAL C 342 -28.53 -5.09 50.68
C VAL C 342 -29.32 -4.89 51.97
N LYS C 343 -28.65 -4.44 53.03
CA LYS C 343 -29.35 -4.23 54.30
C LYS C 343 -30.38 -3.12 54.21
N ASP C 344 -30.15 -2.14 53.33
CA ASP C 344 -31.08 -1.02 53.18
C ASP C 344 -32.28 -1.36 52.29
N GLN C 345 -32.30 -2.53 51.67
CA GLN C 345 -33.43 -2.94 50.84
C GLN C 345 -34.43 -3.76 51.64
CA A1ICC D 1 51.34 -24.69 -15.18
O A1ICC D 1 50.38 -22.50 -15.20
CB A1ICC D 1 50.76 -25.26 -16.26
C A1ICC D 1 50.42 -23.54 -14.63
CG A1ICC D 1 49.85 -26.50 -15.68
C30 A1ICC D 1 47.46 -25.88 -16.29
C32 A1ICC D 1 46.05 -25.36 -15.88
C34 A1ICC D 1 44.05 -25.75 -14.75
C35 A1ICC D 1 43.56 -24.51 -15.14
C36 A1ICC D 1 44.37 -23.66 -15.95
C37 A1ICC D 1 43.90 -22.39 -16.36
C38 A1ICC D 1 44.71 -21.57 -17.15
C39 A1ICC D 1 45.99 -22.01 -17.53
C40 A1ICC D 1 46.45 -23.25 -17.13
C41 A1ICC D 1 45.63 -24.09 -16.32
CD A1ICC D 1 50.49 -26.98 -14.58
N29 A1ICC D 1 48.49 -26.00 -15.29
N33 A1ICC D 1 45.25 -26.14 -15.13
N A1ICC D 1 51.52 -25.87 -14.15
O31 A1ICC D 1 47.68 -26.16 -17.40
N ALA D 2 49.60 -23.74 -13.42
CA ALA D 2 48.74 -22.63 -12.95
C ALA D 2 48.61 -22.66 -11.42
N SFE D 3 48.80 -21.42 -10.65
O SFE D 3 52.06 -21.43 -9.65
CZ SFE D 3 45.24 -19.00 -7.90
CE2 SFE D 3 45.85 -19.88 -7.00
CE1 SFE D 3 45.71 -18.89 -9.19
CD2 SFE D 3 46.94 -20.65 -7.42
CD1 SFE D 3 46.81 -19.67 -9.61
CA SFE D 3 50.01 -20.91 -8.55
C SFE D 3 51.19 -21.85 -8.96
CG SFE D 3 47.42 -20.55 -8.71
CB SFE D 3 48.68 -21.43 -9.17
N MET D 4 51.20 -23.24 -8.49
CA MET D 4 52.30 -24.13 -8.87
C MET D 4 52.25 -24.31 -10.42
N VAL D 5 53.50 -24.58 -11.17
CA VAL D 5 53.49 -24.75 -12.69
C VAL D 5 52.50 -25.94 -12.98
CA A1ICC E 1 -21.14 44.05 -40.64
O A1ICC E 1 -19.85 42.68 -42.13
CB A1ICC E 1 -20.27 45.05 -40.34
C A1ICC E 1 -20.33 42.76 -41.05
CG A1ICC E 1 -19.96 44.92 -38.73
C30 A1ICC E 1 -17.48 44.47 -38.65
C32 A1ICC E 1 -16.27 43.49 -38.45
C34 A1ICC E 1 -15.01 42.18 -37.00
C35 A1ICC E 1 -14.18 41.79 -38.03
C36 A1ICC E 1 -14.41 42.29 -39.35
C37 A1ICC E 1 -13.57 41.92 -40.43
C38 A1ICC E 1 -13.82 42.42 -41.71
C39 A1ICC E 1 -14.90 43.30 -41.92
C40 A1ICC E 1 -15.72 43.66 -40.86
C41 A1ICC E 1 -15.46 43.15 -39.55
CD A1ICC E 1 -21.09 44.45 -38.15
N29 A1ICC E 1 -18.82 43.97 -38.53
N33 A1ICC E 1 -16.01 43.00 -37.22
N A1ICC E 1 -21.98 43.83 -39.32
O31 A1ICC E 1 -17.28 45.58 -38.90
N ALA E 2 -20.17 41.64 -40.09
CA ALA E 2 -19.42 40.45 -40.50
C ALA E 2 -19.97 39.20 -39.77
N SFE E 3 -20.25 37.96 -40.53
O SFE E 3 -23.58 38.03 -41.35
CZ SFE E 3 -17.77 33.56 -39.97
CE2 SFE E 3 -17.54 34.76 -40.65
CE1 SFE E 3 -18.93 33.37 -39.25
CD2 SFE E 3 -18.51 35.78 -40.60
CD1 SFE E 3 -19.90 34.39 -39.21
CA SFE E 3 -22.12 36.33 -40.51
C SFE E 3 -23.17 37.48 -40.38
CG SFE E 3 -19.68 35.59 -39.89
CB SFE E 3 -20.77 36.76 -39.84
N MET E 4 -23.64 37.87 -39.05
CA MET E 4 -24.61 38.96 -38.89
C MET E 4 -23.92 40.27 -39.38
N VAL E 5 -24.75 41.36 -39.96
CA VAL E 5 -24.12 42.65 -40.45
C VAL E 5 -23.36 43.22 -39.19
CA A1ICC F 1 -41.78 16.84 8.43
O A1ICC F 1 -40.45 14.98 7.77
CB A1ICC F 1 -40.88 17.86 8.39
C A1ICC F 1 -41.03 15.48 8.68
CG A1ICC F 1 -40.73 18.43 9.93
C30 A1ICC F 1 -38.32 18.04 10.61
C32 A1ICC F 1 -37.27 17.26 11.45
C34 A1ICC F 1 -36.38 16.77 13.55
C35 A1ICC F 1 -35.47 15.89 12.98
C36 A1ICC F 1 -35.47 15.69 11.57
C37 A1ICC F 1 -34.56 14.80 10.95
C38 A1ICC F 1 -34.60 14.63 9.57
C39 A1ICC F 1 -35.53 15.34 8.78
C40 A1ICC F 1 -36.42 16.20 9.39
C41 A1ICC F 1 -36.38 16.37 10.81
CD A1ICC F 1 -41.94 18.26 10.52
N29 A1ICC F 1 -39.70 17.68 10.71
N33 A1ICC F 1 -37.25 17.42 12.79
N A1ICC F 1 -42.74 17.22 9.63
O31 A1ICC F 1 -37.98 18.92 9.92
N ALA F 2 -41.01 14.82 9.99
CA ALA F 2 -40.29 13.55 10.13
C ALA F 2 -40.95 12.64 11.19
N SFE F 3 -41.22 11.24 10.89
O SFE F 3 -44.50 11.13 9.86
CZ SFE F 3 -39.09 7.18 13.13
CE2 SFE F 3 -38.93 7.81 11.88
CE1 SFE F 3 -40.10 7.56 13.97
CD2 SFE F 3 -39.82 8.83 11.50
CD1 SFE F 3 -40.99 8.59 13.59
CA SFE F 3 -43.19 9.79 11.34
C SFE F 3 -44.16 10.95 10.99
CG SFE F 3 -40.85 9.20 12.35
CB SFE F 3 -41.86 10.37 11.91
N MET F 4 -44.66 11.83 12.07
CA MET F 4 -45.55 12.94 11.77
C MET F 4 -44.78 13.91 10.84
N VAL F 5 -45.54 14.71 9.84
CA VAL F 5 -44.84 15.68 8.93
C VAL F 5 -44.14 16.72 9.90
N NIO G . 32.84 -22.24 -5.18
C1 NIO G . 32.55 -20.95 -4.98
C2 NIO G . 32.42 -20.36 -3.73
C3 NIO G . 32.60 -21.19 -2.62
C4 NIO G . 32.90 -22.53 -2.81
C5 NIO G . 33.00 -23.01 -4.11
C6 NIO G . 32.10 -18.88 -3.58
O1 NIO G . 32.11 -18.44 -2.41
O2 NIO G . 31.87 -18.26 -4.63
S SO4 H . 26.27 -2.57 -2.90
O1 SO4 H . 25.93 -2.46 -1.45
O2 SO4 H . 25.10 -3.15 -3.65
O3 SO4 H . 26.58 -1.21 -3.45
O4 SO4 H . 27.45 -3.47 -3.07
S SO4 I . 19.25 -6.20 -11.48
O1 SO4 I . 18.69 -7.31 -12.30
O2 SO4 I . 18.18 -5.21 -11.16
O3 SO4 I . 20.34 -5.51 -12.25
O4 SO4 I . 19.83 -6.75 -10.21
S SO4 J . 5.01 -8.91 13.56
O1 SO4 J . 5.34 -7.46 13.62
O2 SO4 J . 3.70 -9.10 12.86
O3 SO4 J . 6.09 -9.64 12.82
O4 SO4 J . 4.91 -9.45 14.95
S SO4 K . 30.17 -29.98 1.46
O1 SO4 K . 31.10 -28.90 1.94
O2 SO4 K . 28.81 -29.39 1.24
O3 SO4 K . 30.69 -30.57 0.20
O4 SO4 K . 30.09 -31.05 2.52
S SO4 L . 4.71 -17.11 -12.44
O1 SO4 L . 4.04 -16.61 -11.19
O2 SO4 L . 3.69 -17.27 -13.51
O3 SO4 L . 5.75 -16.12 -12.88
O4 SO4 L . 5.36 -18.42 -12.16
S SO4 M . 6.08 -18.44 -18.39
O1 SO4 M . 7.13 -17.42 -18.09
O2 SO4 M . 4.73 -17.77 -18.43
O3 SO4 M . 6.36 -19.07 -19.72
O4 SO4 M . 6.07 -19.50 -17.33
N NIO N . -7.98 30.36 -31.02
C1 NIO N . -7.62 29.34 -31.78
C2 NIO N . -8.10 28.03 -31.62
C3 NIO N . -9.00 27.82 -30.59
C4 NIO N . -9.39 28.88 -29.78
C5 NIO N . -8.84 30.13 -30.03
C6 NIO N . -7.65 26.90 -32.54
O1 NIO N . -6.85 27.21 -33.45
O2 NIO N . -8.12 25.78 -32.30
S SO4 O . -15.07 20.46 -46.73
O1 SO4 O . -14.69 20.69 -45.29
O2 SO4 O . -15.74 19.13 -46.85
O3 SO4 O . -16.00 21.54 -47.17
O4 SO4 O . -13.84 20.48 -47.58
S SO4 P . 0.79 16.14 -42.27
O1 SO4 P . 0.05 17.06 -41.33
O2 SO4 P . 0.10 16.11 -43.59
O3 SO4 P . 2.19 16.64 -42.44
O4 SO4 P . 0.82 14.76 -41.69
S SO4 Q . 9.98 22.17 -40.58
O1 SO4 Q . 10.76 23.16 -39.76
O2 SO4 Q . 8.79 21.71 -39.79
O3 SO4 Q . 9.52 22.83 -41.84
O4 SO4 Q . 10.86 21.01 -40.91
N NIO R . -31.30 5.83 23.36
C1 NIO R . -30.86 4.64 22.98
C2 NIO R . -31.18 3.45 23.63
C3 NIO R . -32.02 3.53 24.73
C4 NIO R . -32.49 4.78 25.14
C5 NIO R . -32.10 5.89 24.42
C6 NIO R . -30.64 2.11 23.14
O1 NIO R . -29.73 2.17 22.30
O2 NIO R . -31.15 1.10 23.64
S SO4 S . -22.33 -10.17 15.76
O1 SO4 S . -22.80 -8.78 16.02
O2 SO4 S . -23.18 -10.80 14.70
O3 SO4 S . -20.90 -10.13 15.29
O4 SO4 S . -22.42 -10.98 17.02
S SO4 T . -12.58 -4.62 16.68
O1 SO4 T . -11.82 -3.40 17.11
O2 SO4 T . -13.83 -4.76 17.51
O3 SO4 T . -12.95 -4.50 15.24
O4 SO4 T . -11.72 -5.84 16.88
S SO4 U . -22.83 11.85 7.95
O1 SO4 U . -22.03 12.02 9.21
O2 SO4 U . -24.20 12.44 8.13
O3 SO4 U . -22.13 12.54 6.81
O4 SO4 U . -22.97 10.38 7.64
S SO4 V . -40.43 -15.42 30.66
O1 SO4 V . -41.10 -14.38 31.50
O2 SO4 V . -41.44 -16.43 30.21
O3 SO4 V . -39.80 -14.76 29.46
O4 SO4 V . -39.37 -16.11 31.46
NA NA W . -32.46 -17.36 14.06
#